data_7SAN
#
_entry.id   7SAN
#
_cell.length_a   74.818
_cell.length_b   93.743
_cell.length_c   130.46
_cell.angle_alpha   90.0
_cell.angle_beta   90.0
_cell.angle_gamma   90.0
#
_symmetry.space_group_name_H-M   'P 21 21 21'
#
loop_
_entity.id
_entity.type
_entity.pdbx_description
1 polymer 'Hypoxanthine-guanine phosphoribosyltransferase'
2 non-polymer '({(2S)-3-(2-amino-6-oxo-1,6-dihydro-9H-purin-9-yl)-2-[(2S)-2-hydroxy-2-phosphonoethoxy]propoxy}methyl)phosphonic acid'
3 water water
#
_entity_poly.entity_id   1
_entity_poly.type   'polypeptide(L)'
_entity_poly.pdbx_seq_one_letter_code
;ATRSPGVVISDDEPGYDLDLFAIPNHYAEDLERVFIPHGLIMDRTERLARDVMKEMGGHHIVALCVLKGGYKFFADLLDY
IKALNRNSDRSIPMTVDFIRLKSYANDQSTGDIKVIGGDDLSTLTGKNVLIVEDIIDTGKTMQTLLSLVRQYNPKMVKVA
SLLVKRTPRSVGYKPDFVGFEIPDKFVVGYALDYNEYFRDLNHVAVISETGKAKYKA
;
_entity_poly.pdbx_strand_id   A,B,C,D
#
loop_
_chem_comp.id
_chem_comp.type
_chem_comp.name
_chem_comp.formula
8QI non-polymer '({(2S)-3-(2-amino-6-oxo-1,6-dihydro-9H-purin-9-yl)-2-[(2S)-2-hydroxy-2-phosphonoethoxy]propoxy}methyl)phosphonic acid' 'C11 H19 N5 O10 P2'
#
# COMPACT_ATOMS: atom_id res chain seq x y z
N SER A 4 13.83 9.21 23.96
CA SER A 4 14.13 10.00 22.77
C SER A 4 12.99 10.96 22.44
N PRO A 5 13.33 12.15 21.93
CA PRO A 5 12.32 13.15 21.55
C PRO A 5 11.70 12.88 20.19
N GLY A 6 12.06 11.75 19.57
CA GLY A 6 11.57 11.41 18.25
C GLY A 6 12.38 12.07 17.16
N VAL A 7 11.88 12.02 15.93
CA VAL A 7 12.56 12.67 14.82
C VAL A 7 12.49 14.19 14.97
N VAL A 8 13.64 14.82 15.16
CA VAL A 8 13.69 16.26 15.38
C VAL A 8 13.82 17.03 14.08
N ILE A 9 12.84 17.86 13.79
CA ILE A 9 12.90 18.77 12.67
C ILE A 9 13.31 20.14 13.19
N SER A 10 14.58 20.50 13.01
CA SER A 10 15.10 21.77 13.51
C SER A 10 14.45 22.97 12.80
N ASP A 11 14.72 24.16 13.32
CA ASP A 11 14.19 25.40 12.75
C ASP A 11 15.22 26.13 11.87
N ASP A 12 16.34 25.47 11.58
CA ASP A 12 17.37 26.02 10.70
C ASP A 12 16.75 26.41 9.37
N GLU A 13 16.58 25.42 8.50
CA GLU A 13 15.68 25.58 7.38
C GLU A 13 15.08 24.21 7.09
N PRO A 14 13.88 23.96 7.63
CA PRO A 14 13.22 22.66 7.62
C PRO A 14 12.31 22.46 6.42
N GLY A 15 11.78 21.24 6.30
CA GLY A 15 10.82 20.93 5.27
C GLY A 15 11.39 20.81 3.87
N TYR A 16 10.50 20.76 2.89
CA TYR A 16 10.89 20.61 1.49
C TYR A 16 10.08 21.58 0.63
N ASP A 17 10.64 21.96 -0.52
CA ASP A 17 9.90 22.80 -1.47
C ASP A 17 8.70 22.01 -1.99
N LEU A 18 7.61 22.73 -2.28
CA LEU A 18 6.37 22.10 -2.72
C LEU A 18 6.54 21.39 -4.06
N ASP A 19 7.56 21.78 -4.82
CA ASP A 19 7.79 21.23 -6.16
C ASP A 19 8.42 19.85 -6.12
N LEU A 20 8.86 19.41 -4.94
CA LEU A 20 9.59 18.15 -4.82
C LEU A 20 8.67 16.96 -4.54
N PHE A 21 7.41 17.25 -4.22
CA PHE A 21 6.46 16.19 -3.90
C PHE A 21 5.10 16.42 -4.55
N ALA A 22 4.30 15.36 -4.61
CA ALA A 22 2.98 15.43 -5.21
C ALA A 22 1.97 16.05 -4.27
N ILE A 23 1.40 17.18 -4.70
CA ILE A 23 0.45 17.93 -3.89
C ILE A 23 -0.78 18.25 -4.73
N PRO A 24 -1.98 18.01 -4.18
CA PRO A 24 -3.23 18.36 -4.86
C PRO A 24 -3.20 19.79 -5.38
N ASN A 25 -3.54 19.97 -6.64
CA ASN A 25 -3.41 21.27 -7.30
C ASN A 25 -4.24 22.37 -6.64
N HIS A 26 -5.35 22.00 -6.02
CA HIS A 26 -6.21 22.98 -5.37
C HIS A 26 -5.65 23.43 -4.02
N TYR A 27 -4.48 22.91 -3.66
CA TYR A 27 -3.81 23.31 -2.42
C TYR A 27 -2.45 23.93 -2.69
N ALA A 28 -2.15 24.17 -3.97
CA ALA A 28 -0.83 24.64 -4.38
C ALA A 28 -0.46 26.00 -3.78
N GLU A 29 -1.45 26.88 -3.68
CA GLU A 29 -1.23 28.23 -3.18
C GLU A 29 -1.48 28.31 -1.68
N ASP A 30 -2.15 27.30 -1.15
CA ASP A 30 -2.60 27.30 0.24
C ASP A 30 -1.54 26.76 1.19
N LEU A 31 -0.48 26.20 0.62
CA LEU A 31 0.60 25.64 1.41
C LEU A 31 1.87 26.46 1.24
N GLU A 32 2.70 26.47 2.28
CA GLU A 32 3.93 27.25 2.24
C GLU A 32 5.14 26.33 2.11
N ARG A 33 5.09 25.20 2.80
CA ARG A 33 6.19 24.24 2.78
C ARG A 33 5.77 22.88 3.35
N VAL A 34 6.37 21.81 2.84
CA VAL A 34 6.07 20.46 3.32
C VAL A 34 7.07 19.99 4.35
N PHE A 35 6.62 19.79 5.59
CA PHE A 35 7.50 19.34 6.66
C PHE A 35 7.72 17.83 6.63
N ILE A 36 6.65 17.06 6.70
CA ILE A 36 6.76 15.61 6.75
C ILE A 36 5.91 14.95 5.66
N PRO A 37 6.56 14.43 4.62
CA PRO A 37 5.88 13.68 3.56
C PRO A 37 5.16 12.46 4.13
N HIS A 38 4.08 12.04 3.47
CA HIS A 38 3.23 10.96 3.95
C HIS A 38 4.01 9.67 4.24
N GLY A 39 4.90 9.31 3.33
CA GLY A 39 5.68 8.09 3.49
C GLY A 39 6.63 8.13 4.67
N LEU A 40 7.13 9.33 4.99
CA LEU A 40 8.01 9.48 6.13
C LEU A 40 7.24 9.28 7.43
N ILE A 41 5.99 9.74 7.45
CA ILE A 41 5.11 9.53 8.59
C ILE A 41 4.86 8.04 8.82
N MET A 42 4.62 7.30 7.74
CA MET A 42 4.29 5.88 7.83
C MET A 42 5.47 5.06 8.34
N ASP A 43 6.67 5.35 7.85
CA ASP A 43 7.86 4.62 8.27
C ASP A 43 8.19 4.89 9.75
N ARG A 44 7.93 6.11 10.19
CA ARG A 44 8.13 6.47 11.59
C ARG A 44 7.07 5.83 12.47
N THR A 45 5.83 5.80 11.97
CA THR A 45 4.72 5.23 12.71
C THR A 45 4.91 3.72 12.91
N GLU A 46 5.47 3.05 11.92
CA GLU A 46 5.75 1.62 12.02
C GLU A 46 6.71 1.33 13.17
N ARG A 47 7.70 2.22 13.32
CA ARG A 47 8.68 2.08 14.39
C ARG A 47 8.04 2.40 15.75
N LEU A 48 7.15 3.39 15.77
CA LEU A 48 6.42 3.75 16.98
C LEU A 48 5.57 2.59 17.47
N ALA A 49 4.98 1.85 16.54
CA ALA A 49 4.18 0.68 16.87
C ALA A 49 5.05 -0.38 17.55
N ARG A 50 6.28 -0.51 17.08
CA ARG A 50 7.24 -1.45 17.67
CA ARG A 50 7.24 -1.44 17.67
C ARG A 50 7.59 -1.02 19.09
N ASP A 51 7.79 0.28 19.29
CA ASP A 51 8.12 0.83 20.60
C ASP A 51 6.96 0.65 21.58
N VAL A 52 5.74 0.82 21.07
CA VAL A 52 4.54 0.67 21.89
C VAL A 52 4.34 -0.78 22.32
N MET A 53 4.55 -1.70 21.40
CA MET A 53 4.39 -3.13 21.69
C MET A 53 5.59 -3.70 22.43
N LYS A 54 6.25 -2.87 23.23
CA LYS A 54 7.40 -3.29 24.02
C LYS A 54 7.35 -2.74 25.43
N GLU A 55 6.86 -1.52 25.58
CA GLU A 55 6.77 -0.88 26.89
C GLU A 55 5.43 -1.15 27.56
N MET A 56 4.47 -1.65 26.80
CA MET A 56 3.15 -1.93 27.34
C MET A 56 2.37 -2.93 26.48
N GLY A 57 3.02 -3.45 25.45
CA GLY A 57 2.37 -4.37 24.53
C GLY A 57 2.46 -5.82 24.95
N GLY A 58 2.69 -6.05 26.24
CA GLY A 58 2.81 -7.39 26.78
C GLY A 58 1.60 -8.25 26.49
N HIS A 59 0.43 -7.82 26.98
CA HIS A 59 -0.80 -8.56 26.76
C HIS A 59 -1.89 -7.68 26.15
N HIS A 60 -3.00 -7.56 26.87
CA HIS A 60 -4.15 -6.78 26.41
C HIS A 60 -3.97 -5.30 26.73
N ILE A 61 -4.18 -4.45 25.73
CA ILE A 61 -4.13 -3.02 25.93
C ILE A 61 -5.45 -2.37 25.52
N VAL A 62 -5.73 -1.20 26.11
CA VAL A 62 -6.87 -0.40 25.69
C VAL A 62 -6.38 0.84 24.96
N ALA A 63 -6.59 0.87 23.65
CA ALA A 63 -6.13 1.99 22.84
C ALA A 63 -7.22 3.05 22.72
N LEU A 64 -6.97 4.21 23.32
CA LEU A 64 -7.95 5.30 23.31
C LEU A 64 -7.53 6.41 22.35
N CYS A 65 -8.44 6.75 21.43
CA CYS A 65 -8.21 7.87 20.53
C CYS A 65 -8.98 9.09 21.01
N VAL A 66 -8.30 10.24 21.05
CA VAL A 66 -8.92 11.47 21.48
C VAL A 66 -9.73 12.12 20.36
N LEU A 67 -10.99 12.42 20.64
CA LEU A 67 -11.84 13.11 19.68
C LEU A 67 -12.14 14.55 20.11
N LYS A 68 -12.00 15.49 19.18
CA LYS A 68 -11.56 15.19 17.82
C LYS A 68 -10.18 15.79 17.55
N GLY A 69 -9.93 16.17 16.31
CA GLY A 69 -8.64 16.68 15.90
C GLY A 69 -8.05 15.83 14.80
N GLY A 70 -8.36 14.54 14.82
CA GLY A 70 -7.85 13.61 13.83
C GLY A 70 -8.36 12.19 14.03
N TYR A 71 -7.96 11.31 13.12
CA TYR A 71 -8.38 9.90 13.17
C TYR A 71 -7.44 9.04 12.34
N LYS A 72 -6.81 9.66 11.35
CA LYS A 72 -5.93 8.95 10.42
C LYS A 72 -4.72 8.34 11.13
N PHE A 73 -4.15 9.08 12.06
CA PHE A 73 -2.96 8.61 12.79
C PHE A 73 -3.30 7.41 13.67
N PHE A 74 -4.46 7.47 14.31
CA PHE A 74 -4.93 6.37 15.14
C PHE A 74 -5.15 5.11 14.31
N ALA A 75 -5.74 5.29 13.14
CA ALA A 75 -6.01 4.18 12.23
C ALA A 75 -4.73 3.54 11.73
N ASP A 76 -3.75 4.36 11.34
CA ASP A 76 -2.49 3.84 10.83
C ASP A 76 -1.63 3.23 11.93
N LEU A 77 -1.63 3.84 13.11
CA LEU A 77 -0.86 3.32 14.24
C LEU A 77 -1.34 1.92 14.61
N LEU A 78 -2.66 1.75 14.65
CA LEU A 78 -3.23 0.45 14.99
C LEU A 78 -3.02 -0.59 13.88
N ASP A 79 -2.98 -0.14 12.64
CA ASP A 79 -2.73 -1.05 11.52
C ASP A 79 -1.35 -1.69 11.63
N TYR A 80 -0.38 -0.93 12.10
CA TYR A 80 0.97 -1.46 12.28
C TYR A 80 1.06 -2.33 13.53
N ILE A 81 0.33 -1.94 14.58
CA ILE A 81 0.24 -2.75 15.79
C ILE A 81 -0.37 -4.11 15.48
N LYS A 82 -1.46 -4.10 14.72
CA LYS A 82 -2.14 -5.34 14.34
C LYS A 82 -1.28 -6.18 13.40
N ALA A 83 -0.39 -5.52 12.66
CA ALA A 83 0.53 -6.23 11.76
C ALA A 83 1.59 -6.97 12.56
N LEU A 84 1.99 -6.40 13.69
CA LEU A 84 2.94 -7.05 14.58
C LEU A 84 2.30 -8.24 15.30
N ASN A 85 1.06 -8.05 15.74
CA ASN A 85 0.33 -9.10 16.46
C ASN A 85 0.08 -10.36 15.63
N ARG A 86 -0.14 -10.18 14.32
CA ARG A 86 -0.45 -11.32 13.47
C ARG A 86 0.81 -12.10 13.09
N ASN A 87 1.95 -11.68 13.62
CA ASN A 87 3.20 -12.39 13.43
C ASN A 87 3.82 -12.81 14.76
N SER A 88 3.05 -12.70 15.83
CA SER A 88 3.55 -12.95 17.17
C SER A 88 3.34 -14.39 17.65
N ASP A 89 2.62 -15.17 16.86
CA ASP A 89 2.29 -16.56 17.19
C ASP A 89 1.58 -16.58 18.55
N ARG A 90 0.61 -15.69 18.70
CA ARG A 90 -0.14 -15.56 19.95
C ARG A 90 -1.35 -14.65 19.76
N SER A 91 -2.53 -15.17 20.06
CA SER A 91 -3.77 -14.42 19.90
C SER A 91 -3.88 -13.34 20.99
N ILE A 92 -3.72 -12.09 20.59
CA ILE A 92 -3.73 -10.98 21.52
C ILE A 92 -4.95 -10.08 21.33
N PRO A 93 -5.86 -10.08 22.32
CA PRO A 93 -7.05 -9.23 22.27
C PRO A 93 -6.71 -7.77 22.48
N MET A 94 -7.60 -6.87 22.06
CA MET A 94 -7.34 -5.44 22.16
C MET A 94 -8.64 -4.64 22.18
N THR A 95 -8.73 -3.69 23.12
CA THR A 95 -9.88 -2.80 23.19
C THR A 95 -9.60 -1.53 22.40
N VAL A 96 -10.52 -1.17 21.51
CA VAL A 96 -10.41 0.06 20.74
C VAL A 96 -11.63 0.94 20.97
N ASP A 97 -11.39 2.15 21.48
CA ASP A 97 -12.48 3.07 21.76
C ASP A 97 -12.00 4.52 21.65
N PHE A 98 -12.96 5.44 21.60
CA PHE A 98 -12.68 6.86 21.44
C PHE A 98 -13.15 7.64 22.67
N ILE A 99 -12.40 8.67 23.03
CA ILE A 99 -12.76 9.47 24.20
C ILE A 99 -13.12 10.90 23.81
N ARG A 100 -14.20 11.40 24.43
CA ARG A 100 -14.63 12.77 24.24
C ARG A 100 -14.08 13.61 25.39
N LEU A 101 -13.58 14.80 25.08
CA LEU A 101 -13.09 15.65 26.17
C LEU A 101 -14.08 16.75 26.48
N LYS A 102 -14.81 16.56 27.58
CA LYS A 102 -15.81 17.51 28.05
C LYS A 102 -15.18 18.81 28.52
N LEU A 121 -16.75 4.86 31.09
CA LEU A 121 -15.33 5.18 31.18
C LEU A 121 -14.74 4.41 32.36
N SER A 122 -15.60 3.70 33.08
CA SER A 122 -15.19 2.91 34.24
C SER A 122 -14.51 1.60 33.83
N THR A 123 -14.44 1.34 32.53
CA THR A 123 -13.84 0.13 32.00
C THR A 123 -12.32 0.14 32.18
N LEU A 124 -11.75 1.35 32.27
CA LEU A 124 -10.30 1.53 32.32
C LEU A 124 -9.66 1.07 33.62
N THR A 125 -10.49 0.62 34.57
CA THR A 125 -9.99 0.23 35.89
C THR A 125 -9.09 -1.00 35.82
N GLY A 126 -7.81 -0.80 36.13
CA GLY A 126 -6.85 -1.89 36.15
C GLY A 126 -6.38 -2.33 34.78
N LYS A 127 -6.57 -1.47 33.78
CA LYS A 127 -6.21 -1.80 32.41
C LYS A 127 -4.92 -1.11 31.97
N ASN A 128 -4.30 -1.65 30.92
CA ASN A 128 -3.14 -1.02 30.30
C ASN A 128 -3.58 -0.09 29.17
N VAL A 129 -3.55 1.22 29.43
CA VAL A 129 -4.15 2.18 28.51
C VAL A 129 -3.13 2.92 27.67
N LEU A 130 -3.38 2.96 26.36
CA LEU A 130 -2.59 3.75 25.44
C LEU A 130 -3.42 4.90 24.86
N ILE A 131 -3.07 6.13 25.24
CA ILE A 131 -3.75 7.31 24.69
C ILE A 131 -3.04 7.79 23.44
N VAL A 132 -3.77 7.82 22.32
CA VAL A 132 -3.20 8.20 21.04
C VAL A 132 -3.63 9.61 20.64
N GLU A 133 -2.65 10.45 20.33
CA GLU A 133 -2.91 11.84 19.97
C GLU A 133 -2.20 12.20 18.67
N ASP A 134 -2.82 13.07 17.87
CA ASP A 134 -2.25 13.45 16.58
C ASP A 134 -1.22 14.58 16.73
N ILE A 135 -1.51 15.55 17.58
CA ILE A 135 -0.57 16.65 17.81
C ILE A 135 -0.65 17.20 19.23
N ILE A 136 0.51 17.58 19.77
CA ILE A 136 0.58 18.23 21.06
C ILE A 136 1.27 19.58 20.95
N ASP A 137 0.54 20.64 21.28
CA ASP A 137 1.07 21.99 21.19
C ASP A 137 1.57 22.47 22.56
N THR A 138 0.65 22.97 23.38
CA THR A 138 1.01 23.42 24.72
C THR A 138 1.10 22.24 25.69
N GLY A 139 0.18 21.30 25.56
CA GLY A 139 0.21 20.09 26.35
C GLY A 139 -0.80 20.04 27.49
N LYS A 140 -1.54 21.12 27.68
CA LYS A 140 -2.52 21.18 28.76
C LYS A 140 -3.71 20.26 28.50
N THR A 141 -4.04 20.06 27.23
CA THR A 141 -5.12 19.14 26.87
C THR A 141 -4.81 17.74 27.37
N MET A 142 -3.55 17.32 27.21
CA MET A 142 -3.13 16.00 27.65
C MET A 142 -3.00 15.92 29.16
N GLN A 143 -2.43 16.95 29.77
CA GLN A 143 -2.32 17.01 31.23
C GLN A 143 -3.70 16.89 31.87
N THR A 144 -4.66 17.63 31.32
CA THR A 144 -6.03 17.57 31.78
C THR A 144 -6.63 16.17 31.55
N LEU A 145 -6.29 15.59 30.40
CA LEU A 145 -6.82 14.28 30.03
C LEU A 145 -6.24 13.18 30.93
N LEU A 146 -4.96 13.28 31.25
CA LEU A 146 -4.30 12.28 32.08
C LEU A 146 -4.86 12.26 33.51
N SER A 147 -5.07 13.44 34.07
CA SER A 147 -5.54 13.57 35.44
C SER A 147 -6.92 12.93 35.64
N LEU A 148 -7.73 12.96 34.59
CA LEU A 148 -9.07 12.38 34.65
C LEU A 148 -9.04 10.87 34.53
N VAL A 149 -8.17 10.37 33.66
CA VAL A 149 -8.04 8.94 33.44
C VAL A 149 -7.42 8.25 34.65
N ARG A 150 -6.46 8.92 35.29
CA ARG A 150 -5.78 8.37 36.45
C ARG A 150 -6.71 8.19 37.65
N GLN A 151 -7.77 9.00 37.70
CA GLN A 151 -8.73 8.96 38.79
C GLN A 151 -9.60 7.71 38.73
N TYR A 152 -9.58 7.03 37.58
CA TYR A 152 -10.29 5.77 37.42
C TYR A 152 -9.35 4.61 37.72
N ASN A 153 -8.17 4.95 38.24
CA ASN A 153 -7.17 3.98 38.67
C ASN A 153 -6.86 2.88 37.66
N PRO A 154 -6.14 3.23 36.59
CA PRO A 154 -5.69 2.26 35.59
C PRO A 154 -4.36 1.62 35.99
N LYS A 155 -4.08 0.44 35.45
CA LYS A 155 -2.82 -0.23 35.74
C LYS A 155 -1.65 0.60 35.25
N MET A 156 -1.83 1.25 34.10
CA MET A 156 -0.83 2.12 33.51
C MET A 156 -1.40 2.92 32.35
N VAL A 157 -0.98 4.17 32.23
CA VAL A 157 -1.40 5.01 31.11
C VAL A 157 -0.19 5.69 30.46
N LYS A 158 0.03 5.40 29.19
CA LYS A 158 1.08 6.05 28.42
C LYS A 158 0.49 6.75 27.21
N VAL A 159 1.16 7.80 26.75
CA VAL A 159 0.63 8.63 25.68
C VAL A 159 1.53 8.62 24.45
N ALA A 160 0.94 8.32 23.30
CA ALA A 160 1.66 8.37 22.03
C ALA A 160 1.14 9.54 21.19
N SER A 161 2.07 10.37 20.72
CA SER A 161 1.70 11.52 19.90
C SER A 161 2.54 11.56 18.63
N LEU A 162 1.88 11.85 17.50
CA LEU A 162 2.55 11.94 16.22
C LEU A 162 3.45 13.18 16.14
N LEU A 163 2.92 14.30 16.60
CA LEU A 163 3.65 15.57 16.52
C LEU A 163 3.76 16.26 17.88
N VAL A 164 4.94 16.79 18.16
CA VAL A 164 5.14 17.63 19.33
C VAL A 164 5.86 18.91 18.89
N LYS A 165 5.21 20.05 19.08
CA LYS A 165 5.76 21.33 18.65
C LYS A 165 6.68 21.93 19.70
N ARG A 166 7.84 22.42 19.26
CA ARG A 166 8.71 23.21 20.12
C ARG A 166 8.17 24.62 20.24
N THR A 167 7.33 24.84 21.25
CA THR A 167 6.70 26.13 21.45
C THR A 167 7.03 26.68 22.82
N PRO A 168 7.17 28.02 22.94
CA PRO A 168 7.41 28.66 24.24
C PRO A 168 6.15 28.65 25.09
N ARG A 169 5.10 28.00 24.58
CA ARG A 169 3.79 28.00 25.21
C ARG A 169 3.52 26.69 25.95
N SER A 170 4.43 25.73 25.81
CA SER A 170 4.25 24.43 26.43
C SER A 170 4.39 24.51 27.94
N VAL A 171 3.46 23.87 28.65
CA VAL A 171 3.50 23.80 30.10
C VAL A 171 4.75 23.03 30.55
N GLY A 172 5.10 22.01 29.77
CA GLY A 172 6.26 21.21 30.06
C GLY A 172 5.95 19.73 29.96
N TYR A 173 4.78 19.42 29.42
CA TYR A 173 4.38 18.03 29.26
C TYR A 173 5.07 17.36 28.07
N LYS A 174 5.58 16.16 28.30
CA LYS A 174 6.21 15.38 27.24
C LYS A 174 5.61 13.98 27.19
N PRO A 175 5.15 13.57 26.00
CA PRO A 175 4.54 12.25 25.80
C PRO A 175 5.55 11.12 25.95
N ASP A 176 5.07 9.91 26.21
CA ASP A 176 5.95 8.76 26.31
C ASP A 176 6.51 8.39 24.94
N PHE A 177 5.69 8.56 23.91
CA PHE A 177 6.10 8.24 22.54
C PHE A 177 5.83 9.42 21.61
N VAL A 178 6.87 9.86 20.91
CA VAL A 178 6.77 10.98 19.99
C VAL A 178 7.18 10.58 18.58
N GLY A 179 6.39 11.01 17.60
CA GLY A 179 6.72 10.78 16.19
C GLY A 179 7.74 11.78 15.69
N PHE A 180 7.33 13.04 15.59
CA PHE A 180 8.21 14.10 15.11
C PHE A 180 8.18 15.32 16.02
N GLU A 181 9.30 16.01 16.12
CA GLU A 181 9.37 17.29 16.82
C GLU A 181 9.52 18.42 15.81
N ILE A 182 8.47 19.24 15.67
CA ILE A 182 8.40 20.23 14.61
C ILE A 182 8.47 21.67 15.14
N PRO A 183 8.92 22.61 14.29
CA PRO A 183 8.93 24.05 14.62
C PRO A 183 7.56 24.59 15.02
N ASP A 184 7.55 25.79 15.60
CA ASP A 184 6.29 26.43 15.98
C ASP A 184 5.61 27.02 14.75
N LYS A 185 5.17 26.16 13.86
CA LYS A 185 4.43 26.57 12.68
C LYS A 185 3.11 25.84 12.62
N PHE A 186 2.08 26.51 12.12
CA PHE A 186 0.76 25.88 12.02
C PHE A 186 0.75 24.92 10.83
N VAL A 187 0.62 23.63 11.12
CA VAL A 187 0.68 22.61 10.08
C VAL A 187 -0.66 21.95 9.82
N VAL A 188 -0.86 21.51 8.57
CA VAL A 188 -2.04 20.77 8.20
C VAL A 188 -1.65 19.53 7.41
N GLY A 189 -2.60 18.62 7.19
CA GLY A 189 -2.34 17.43 6.41
C GLY A 189 -2.29 16.15 7.23
N TYR A 190 -2.40 15.02 6.52
CA TYR A 190 -2.40 13.69 7.11
C TYR A 190 -3.54 13.49 8.11
N ALA A 191 -3.35 13.94 9.34
CA ALA A 191 -4.36 13.76 10.38
C ALA A 191 -4.76 15.08 11.02
N LEU A 192 -4.39 16.18 10.36
CA LEU A 192 -4.71 17.51 10.88
C LEU A 192 -5.38 18.35 9.80
N ASP A 193 -6.51 18.96 10.16
CA ASP A 193 -7.30 19.74 9.22
C ASP A 193 -7.32 21.22 9.55
N TYR A 194 -8.02 21.99 8.72
CA TYR A 194 -8.26 23.40 8.97
C TYR A 194 -9.68 23.74 8.51
N ASN A 195 -10.59 23.88 9.47
CA ASN A 195 -12.02 24.04 9.19
C ASN A 195 -12.50 22.91 8.28
N GLU A 196 -12.01 21.71 8.56
CA GLU A 196 -12.38 20.48 7.86
C GLU A 196 -11.91 20.46 6.41
N TYR A 197 -10.89 21.26 6.11
CA TYR A 197 -10.20 21.19 4.82
C TYR A 197 -8.88 20.46 4.98
N PHE A 198 -8.17 20.26 3.88
CA PHE A 198 -6.86 19.60 3.85
C PHE A 198 -6.88 18.13 4.28
N ARG A 199 -8.06 17.52 4.33
CA ARG A 199 -8.16 16.11 4.70
C ARG A 199 -7.57 15.21 3.61
N ASP A 200 -7.68 15.66 2.36
CA ASP A 200 -7.16 14.89 1.24
C ASP A 200 -5.66 15.10 1.06
N LEU A 201 -5.10 16.06 1.80
CA LEU A 201 -3.65 16.27 1.81
C LEU A 201 -3.01 15.27 2.75
N ASN A 202 -2.11 14.44 2.23
CA ASN A 202 -1.53 13.35 3.01
C ASN A 202 -0.16 13.69 3.61
N HIS A 203 0.46 14.75 3.12
CA HIS A 203 1.72 15.22 3.70
C HIS A 203 1.44 16.25 4.80
N VAL A 204 2.35 16.37 5.76
CA VAL A 204 2.25 17.42 6.75
C VAL A 204 2.90 18.70 6.21
N ALA A 205 2.11 19.76 6.09
CA ALA A 205 2.59 20.99 5.46
C ALA A 205 2.19 22.23 6.25
N VAL A 206 3.02 23.27 6.15
CA VAL A 206 2.72 24.55 6.76
C VAL A 206 1.71 25.32 5.91
N ILE A 207 0.59 25.68 6.51
CA ILE A 207 -0.46 26.40 5.79
C ILE A 207 -0.02 27.85 5.54
N SER A 208 -0.28 28.34 4.34
CA SER A 208 0.11 29.70 3.97
C SER A 208 -0.92 30.71 4.44
N GLU A 209 -0.56 31.98 4.38
CA GLU A 209 -1.48 33.06 4.74
C GLU A 209 -2.69 33.07 3.82
N THR A 210 -2.45 32.78 2.54
CA THR A 210 -3.52 32.69 1.55
C THR A 210 -4.53 31.62 1.93
N GLY A 211 -4.06 30.40 2.15
CA GLY A 211 -4.91 29.28 2.50
C GLY A 211 -5.64 29.50 3.82
N LYS A 212 -4.93 30.08 4.79
CA LYS A 212 -5.50 30.36 6.10
C LYS A 212 -6.71 31.28 5.99
N ALA A 213 -6.63 32.24 5.07
CA ALA A 213 -7.73 33.17 4.84
C ALA A 213 -8.75 32.59 3.87
N LYS A 214 -8.29 31.71 2.99
CA LYS A 214 -9.14 31.10 1.98
C LYS A 214 -10.14 30.13 2.59
N TYR A 215 -9.71 29.38 3.59
CA TYR A 215 -10.56 28.37 4.21
C TYR A 215 -10.99 28.76 5.62
N LYS A 216 -11.15 30.06 5.85
CA LYS A 216 -11.57 30.56 7.15
C LYS A 216 -12.99 30.11 7.48
N ALA A 217 -13.31 30.04 8.77
CA ALA A 217 -14.63 29.61 9.20
C ALA A 217 -15.61 30.78 9.25
N SER B 4 -3.51 -27.38 -4.39
CA SER B 4 -2.60 -27.89 -5.41
C SER B 4 -2.81 -27.23 -6.78
N PRO B 5 -4.07 -27.16 -7.27
CA PRO B 5 -4.21 -26.46 -8.56
C PRO B 5 -4.32 -24.95 -8.39
N GLY B 6 -4.21 -24.48 -7.15
CA GLY B 6 -4.35 -23.06 -6.85
C GLY B 6 -5.81 -22.67 -6.72
N VAL B 7 -6.08 -21.37 -6.74
CA VAL B 7 -7.46 -20.90 -6.68
C VAL B 7 -8.16 -21.17 -8.00
N VAL B 8 -9.15 -22.05 -7.97
CA VAL B 8 -9.83 -22.45 -9.20
C VAL B 8 -11.04 -21.58 -9.50
N ILE B 9 -10.94 -20.83 -10.59
CA ILE B 9 -12.06 -20.03 -11.09
C ILE B 9 -12.86 -20.88 -12.07
N SER B 10 -14.00 -21.38 -11.62
CA SER B 10 -14.79 -22.32 -12.39
C SER B 10 -15.39 -21.69 -13.63
N ASP B 11 -15.93 -22.54 -14.50
CA ASP B 11 -16.56 -22.05 -15.71
C ASP B 11 -18.02 -21.58 -15.54
N ASP B 12 -18.69 -21.87 -14.42
CA ASP B 12 -20.14 -21.64 -14.41
C ASP B 12 -20.56 -20.20 -14.13
N GLU B 13 -19.90 -19.47 -13.22
CA GLU B 13 -19.88 -18.03 -13.43
C GLU B 13 -18.52 -17.38 -13.14
N PRO B 14 -18.02 -16.68 -14.16
CA PRO B 14 -16.65 -16.20 -14.43
C PRO B 14 -16.28 -14.87 -13.78
N GLY B 15 -16.04 -14.87 -12.48
CA GLY B 15 -15.65 -13.66 -11.78
C GLY B 15 -16.79 -12.72 -11.45
N TYR B 16 -16.62 -11.45 -11.77
CA TYR B 16 -17.53 -10.40 -11.31
C TYR B 16 -17.89 -9.42 -12.42
N ASP B 17 -19.00 -8.70 -12.24
CA ASP B 17 -19.42 -7.71 -13.22
C ASP B 17 -18.47 -6.50 -13.19
N LEU B 18 -18.38 -5.80 -14.31
CA LEU B 18 -17.44 -4.68 -14.45
C LEU B 18 -17.74 -3.51 -13.50
N ASP B 19 -19.02 -3.28 -13.22
CA ASP B 19 -19.41 -2.13 -12.41
C ASP B 19 -19.26 -2.38 -10.91
N LEU B 20 -18.85 -3.59 -10.55
CA LEU B 20 -18.65 -3.93 -9.15
C LEU B 20 -17.28 -3.45 -8.65
N PHE B 21 -16.35 -3.25 -9.58
CA PHE B 21 -15.02 -2.80 -9.24
C PHE B 21 -14.62 -1.56 -10.05
N ALA B 22 -13.54 -0.92 -9.63
CA ALA B 22 -13.09 0.31 -10.27
C ALA B 22 -12.16 0.02 -11.45
N ILE B 23 -12.72 0.04 -12.65
CA ILE B 23 -11.93 -0.11 -13.87
C ILE B 23 -11.74 1.26 -14.51
N PRO B 24 -10.62 1.47 -15.21
CA PRO B 24 -10.40 2.74 -15.91
C PRO B 24 -11.54 3.04 -16.88
N ASN B 25 -11.91 4.31 -16.97
CA ASN B 25 -13.05 4.71 -17.79
C ASN B 25 -12.86 4.42 -19.28
N HIS B 26 -11.63 4.51 -19.75
CA HIS B 26 -11.34 4.30 -21.17
C HIS B 26 -11.31 2.82 -21.53
N TYR B 27 -11.46 1.96 -20.53
CA TYR B 27 -11.52 0.51 -20.77
C TYR B 27 -12.92 -0.02 -20.48
N ALA B 28 -13.90 0.87 -20.51
CA ALA B 28 -15.27 0.53 -20.15
C ALA B 28 -15.92 -0.46 -21.12
N GLU B 29 -15.62 -0.31 -22.40
CA GLU B 29 -16.24 -1.15 -23.43
C GLU B 29 -15.29 -2.25 -23.91
N ASP B 30 -14.04 -2.19 -23.47
CA ASP B 30 -13.01 -3.09 -23.96
C ASP B 30 -12.91 -4.36 -23.12
N LEU B 31 -13.77 -4.48 -22.11
CA LEU B 31 -13.73 -5.64 -21.22
C LEU B 31 -15.11 -6.29 -21.12
N GLU B 32 -15.14 -7.60 -20.97
CA GLU B 32 -16.41 -8.32 -20.81
C GLU B 32 -16.69 -8.61 -19.34
N ARG B 33 -15.65 -8.92 -18.59
CA ARG B 33 -15.82 -9.36 -17.22
C ARG B 33 -14.49 -9.36 -16.45
N VAL B 34 -14.56 -9.15 -15.14
CA VAL B 34 -13.36 -9.18 -14.30
C VAL B 34 -13.21 -10.53 -13.60
N PHE B 35 -12.11 -11.22 -13.90
CA PHE B 35 -11.84 -12.52 -13.29
C PHE B 35 -11.22 -12.39 -11.92
N ILE B 36 -10.07 -11.70 -11.85
CA ILE B 36 -9.34 -11.56 -10.60
C ILE B 36 -8.97 -10.11 -10.31
N PRO B 37 -9.66 -9.50 -9.33
CA PRO B 37 -9.33 -8.14 -8.88
C PRO B 37 -7.91 -8.05 -8.35
N HIS B 38 -7.30 -6.87 -8.45
CA HIS B 38 -5.89 -6.68 -8.08
C HIS B 38 -5.57 -7.14 -6.66
N GLY B 39 -6.43 -6.77 -5.72
CA GLY B 39 -6.24 -7.13 -4.33
C GLY B 39 -6.24 -8.64 -4.10
N LEU B 40 -7.11 -9.34 -4.81
CA LEU B 40 -7.19 -10.79 -4.70
C LEU B 40 -5.92 -11.44 -5.22
N ILE B 41 -5.33 -10.84 -6.26
CA ILE B 41 -4.05 -11.30 -6.78
C ILE B 41 -2.95 -11.15 -5.75
N MET B 42 -2.93 -10.01 -5.07
CA MET B 42 -1.90 -9.71 -4.08
C MET B 42 -1.98 -10.64 -2.87
N ASP B 43 -3.20 -10.89 -2.38
CA ASP B 43 -3.39 -11.77 -1.24
C ASP B 43 -3.00 -13.21 -1.57
N ARG B 44 -3.20 -13.61 -2.82
CA ARG B 44 -2.82 -14.95 -3.26
C ARG B 44 -1.32 -15.04 -3.43
N THR B 45 -0.72 -13.98 -3.95
CA THR B 45 0.73 -13.92 -4.18
C THR B 45 1.51 -13.98 -2.86
N GLU B 46 0.93 -13.39 -1.82
CA GLU B 46 1.55 -13.40 -0.50
C GLU B 46 1.67 -14.83 0.02
N ARG B 47 0.64 -15.63 -0.24
CA ARG B 47 0.63 -17.03 0.16
C ARG B 47 1.60 -17.83 -0.72
N LEU B 48 1.65 -17.50 -2.01
CA LEU B 48 2.57 -18.15 -2.94
C LEU B 48 4.02 -17.93 -2.53
N ALA B 49 4.32 -16.73 -2.04
CA ALA B 49 5.67 -16.41 -1.57
C ALA B 49 6.05 -17.29 -0.40
N ARG B 50 5.07 -17.58 0.45
CA ARG B 50 5.28 -18.43 1.61
C ARG B 50 5.50 -19.88 1.19
N ASP B 51 4.80 -20.29 0.13
CA ASP B 51 4.96 -21.64 -0.41
C ASP B 51 6.32 -21.83 -1.06
N VAL B 52 6.86 -20.75 -1.63
CA VAL B 52 8.16 -20.80 -2.28
C VAL B 52 9.28 -20.98 -1.26
N MET B 53 9.20 -20.24 -0.15
CA MET B 53 10.19 -20.34 0.92
C MET B 53 10.11 -21.71 1.59
N LYS B 54 8.96 -22.36 1.45
CA LYS B 54 8.73 -23.66 2.05
C LYS B 54 9.47 -24.77 1.31
N GLU B 55 9.49 -24.70 -0.01
CA GLU B 55 10.07 -25.76 -0.82
C GLU B 55 11.42 -25.40 -1.45
N MET B 56 11.84 -24.14 -1.29
CA MET B 56 13.09 -23.69 -1.90
C MET B 56 13.95 -22.84 -0.98
N GLY B 57 13.46 -22.57 0.23
CA GLY B 57 14.16 -21.73 1.17
C GLY B 57 15.38 -22.40 1.79
N GLY B 58 15.66 -23.62 1.37
CA GLY B 58 16.78 -24.38 1.89
C GLY B 58 18.12 -23.83 1.44
N HIS B 59 18.28 -23.63 0.13
CA HIS B 59 19.52 -23.13 -0.43
C HIS B 59 19.32 -21.74 -1.03
N HIS B 60 20.42 -21.17 -1.52
CA HIS B 60 20.38 -19.88 -2.20
C HIS B 60 19.42 -19.94 -3.38
N ILE B 61 18.60 -18.90 -3.53
CA ILE B 61 17.60 -18.89 -4.58
C ILE B 61 17.95 -17.97 -5.73
N VAL B 62 17.98 -18.53 -6.93
CA VAL B 62 18.14 -17.76 -8.15
C VAL B 62 16.79 -17.61 -8.83
N ALA B 63 16.19 -16.43 -8.71
CA ALA B 63 14.88 -16.18 -9.28
C ALA B 63 14.99 -15.63 -10.69
N LEU B 64 14.44 -16.37 -11.65
CA LEU B 64 14.49 -15.96 -13.05
C LEU B 64 13.14 -15.42 -13.52
N CYS B 65 13.15 -14.21 -14.07
CA CYS B 65 11.94 -13.66 -14.66
C CYS B 65 11.93 -13.90 -16.17
N VAL B 66 10.88 -14.56 -16.65
CA VAL B 66 10.73 -14.80 -18.07
C VAL B 66 10.32 -13.53 -18.80
N LEU B 67 11.17 -13.07 -19.72
CA LEU B 67 10.86 -11.89 -20.53
C LEU B 67 10.44 -12.32 -21.93
N LYS B 68 9.37 -11.71 -22.43
CA LYS B 68 8.62 -10.70 -21.69
C LYS B 68 7.11 -10.93 -21.80
N GLY B 69 6.53 -11.47 -20.73
CA GLY B 69 5.09 -11.62 -20.65
C GLY B 69 4.52 -10.61 -19.68
N GLY B 70 5.37 -10.14 -18.77
CA GLY B 70 4.97 -9.18 -17.76
C GLY B 70 5.92 -9.17 -16.58
N TYR B 71 6.37 -7.99 -16.19
CA TYR B 71 7.31 -7.85 -15.08
C TYR B 71 6.58 -7.76 -13.74
N LYS B 72 5.32 -7.35 -13.79
CA LYS B 72 4.55 -6.99 -12.59
C LYS B 72 4.47 -8.11 -11.56
N PHE B 73 4.12 -9.31 -12.02
CA PHE B 73 3.98 -10.44 -11.11
C PHE B 73 5.30 -10.81 -10.46
N PHE B 74 6.38 -10.71 -11.22
CA PHE B 74 7.72 -10.98 -10.72
C PHE B 74 8.09 -10.00 -9.62
N ALA B 75 7.77 -8.73 -9.83
CA ALA B 75 8.07 -7.67 -8.88
C ALA B 75 7.32 -7.87 -7.56
N ASP B 76 6.05 -8.22 -7.65
CA ASP B 76 5.23 -8.39 -6.46
C ASP B 76 5.54 -9.70 -5.72
N LEU B 77 5.87 -10.75 -6.47
CA LEU B 77 6.22 -12.03 -5.85
C LEU B 77 7.47 -11.90 -5.01
N LEU B 78 8.48 -11.21 -5.54
CA LEU B 78 9.72 -11.02 -4.82
C LEU B 78 9.58 -10.05 -3.66
N ASP B 79 8.65 -9.10 -3.78
CA ASP B 79 8.40 -8.16 -2.68
C ASP B 79 7.89 -8.87 -1.44
N TYR B 80 7.05 -9.88 -1.65
CA TYR B 80 6.51 -10.66 -0.54
C TYR B 80 7.54 -11.64 0.01
N ILE B 81 8.44 -12.08 -0.85
CA ILE B 81 9.53 -12.97 -0.43
C ILE B 81 10.52 -12.21 0.46
N LYS B 82 10.86 -10.99 0.05
CA LYS B 82 11.74 -10.14 0.85
C LYS B 82 11.11 -9.81 2.21
N ALA B 83 9.79 -9.70 2.23
CA ALA B 83 9.06 -9.43 3.46
C ALA B 83 9.23 -10.56 4.46
N LEU B 84 9.28 -11.79 3.95
CA LEU B 84 9.53 -12.96 4.80
C LEU B 84 10.98 -13.01 5.24
N ASN B 85 11.87 -12.53 4.37
CA ASN B 85 13.30 -12.56 4.63
C ASN B 85 13.75 -11.56 5.69
N ARG B 86 13.14 -10.38 5.72
CA ARG B 86 13.55 -9.34 6.64
C ARG B 86 13.03 -9.58 8.06
N ASN B 87 12.08 -10.49 8.19
CA ASN B 87 11.54 -10.82 9.50
C ASN B 87 11.94 -12.23 9.94
N SER B 88 13.11 -12.68 9.50
CA SER B 88 13.56 -14.04 9.78
C SER B 88 14.80 -14.08 10.65
N ASP B 89 15.26 -12.91 11.12
CA ASP B 89 16.45 -12.80 11.96
C ASP B 89 17.65 -13.48 11.30
N ARG B 90 17.72 -13.40 9.98
CA ARG B 90 18.73 -14.12 9.23
CA ARG B 90 18.73 -14.12 9.23
C ARG B 90 19.06 -13.41 7.91
N SER B 91 20.33 -13.05 7.72
CA SER B 91 20.75 -12.41 6.49
C SER B 91 20.72 -13.41 5.34
N ILE B 92 19.79 -13.23 4.41
N ILE B 92 19.81 -13.19 4.39
CA ILE B 92 19.65 -14.16 3.31
CA ILE B 92 19.58 -14.11 3.29
C ILE B 92 19.82 -13.47 1.96
C ILE B 92 19.81 -13.44 1.93
N PRO B 93 20.84 -13.90 1.20
CA PRO B 93 21.13 -13.36 -0.14
C PRO B 93 20.24 -14.01 -1.19
N MET B 94 20.00 -13.30 -2.30
CA MET B 94 19.16 -13.83 -3.36
C MET B 94 19.58 -13.27 -4.71
N THR B 95 19.68 -14.16 -5.70
CA THR B 95 20.03 -13.75 -7.05
C THR B 95 18.77 -13.42 -7.86
N VAL B 96 18.80 -12.32 -8.58
CA VAL B 96 17.70 -11.93 -9.45
C VAL B 96 18.21 -11.80 -10.89
N ASP B 97 17.61 -12.57 -11.79
CA ASP B 97 18.04 -12.58 -13.19
C ASP B 97 16.85 -12.57 -14.14
N PHE B 98 17.12 -12.30 -15.42
CA PHE B 98 16.07 -12.26 -16.43
C PHE B 98 16.43 -13.15 -17.63
N ILE B 99 15.42 -13.78 -18.22
CA ILE B 99 15.64 -14.66 -19.36
C ILE B 99 15.12 -14.04 -20.66
N ARG B 100 15.97 -14.00 -21.68
CA ARG B 100 15.60 -13.44 -22.97
C ARG B 100 14.81 -14.45 -23.81
N LEU B 101 15.05 -15.74 -23.54
CA LEU B 101 14.43 -16.84 -24.28
C LEU B 101 14.71 -16.74 -25.78
N LEU B 121 24.49 -17.70 -18.13
CA LEU B 121 23.36 -18.60 -17.87
C LEU B 121 23.89 -19.98 -17.46
N SER B 122 25.20 -20.19 -17.61
CA SER B 122 25.82 -21.40 -17.10
C SER B 122 26.15 -21.25 -15.62
N THR B 123 25.75 -20.10 -15.07
CA THR B 123 25.88 -19.83 -13.65
C THR B 123 24.88 -20.66 -12.86
N LEU B 124 23.80 -21.08 -13.53
CA LEU B 124 22.70 -21.80 -12.90
C LEU B 124 23.05 -23.22 -12.47
N THR B 125 24.33 -23.58 -12.57
CA THR B 125 24.75 -24.94 -12.26
C THR B 125 24.76 -25.18 -10.75
N GLY B 126 24.00 -26.19 -10.31
CA GLY B 126 23.97 -26.58 -8.91
C GLY B 126 23.28 -25.58 -7.99
N LYS B 127 22.39 -24.78 -8.56
CA LYS B 127 21.68 -23.77 -7.78
C LYS B 127 20.18 -24.05 -7.71
N ASN B 128 19.52 -23.46 -6.72
CA ASN B 128 18.06 -23.57 -6.61
C ASN B 128 17.38 -22.48 -7.44
N VAL B 129 16.89 -22.87 -8.62
CA VAL B 129 16.36 -21.91 -9.56
C VAL B 129 14.84 -21.83 -9.50
N LEU B 130 14.33 -20.60 -9.35
CA LEU B 130 12.90 -20.36 -9.40
C LEU B 130 12.56 -19.59 -10.67
N ILE B 131 11.78 -20.22 -11.54
CA ILE B 131 11.33 -19.57 -12.77
C ILE B 131 9.94 -18.94 -12.55
N VAL B 132 9.82 -17.66 -12.85
CA VAL B 132 8.59 -16.93 -12.60
C VAL B 132 7.90 -16.51 -13.91
N GLU B 133 6.71 -17.04 -14.13
CA GLU B 133 5.92 -16.74 -15.32
C GLU B 133 4.56 -16.17 -14.90
N ASP B 134 4.00 -15.29 -15.72
CA ASP B 134 2.72 -14.68 -15.39
C ASP B 134 1.52 -15.46 -15.94
N ILE B 135 1.69 -16.13 -17.08
CA ILE B 135 0.62 -16.96 -17.61
C ILE B 135 1.13 -18.18 -18.37
N ILE B 136 0.46 -19.31 -18.18
CA ILE B 136 0.75 -20.54 -18.91
C ILE B 136 -0.51 -21.02 -19.61
N ASP B 137 -0.45 -21.11 -20.94
CA ASP B 137 -1.61 -21.50 -21.75
C ASP B 137 -1.50 -22.94 -22.21
N THR B 138 -0.81 -23.17 -23.32
CA THR B 138 -0.57 -24.53 -23.80
C THR B 138 0.40 -25.27 -22.90
N GLY B 139 1.42 -24.55 -22.44
CA GLY B 139 2.42 -25.12 -21.55
C GLY B 139 3.70 -25.51 -22.25
N LYS B 140 3.77 -25.25 -23.55
CA LYS B 140 4.92 -25.64 -24.36
C LYS B 140 6.10 -24.68 -24.21
N THR B 141 5.82 -23.40 -24.02
CA THR B 141 6.87 -22.42 -23.78
C THR B 141 7.67 -22.78 -22.54
N MET B 142 6.97 -23.15 -21.48
CA MET B 142 7.63 -23.45 -20.21
C MET B 142 8.36 -24.78 -20.25
N GLN B 143 7.77 -25.77 -20.90
CA GLN B 143 8.40 -27.08 -21.04
C GLN B 143 9.72 -26.95 -21.81
N THR B 144 9.72 -26.10 -22.83
CA THR B 144 10.93 -25.85 -23.61
C THR B 144 11.99 -25.12 -22.78
N LEU B 145 11.54 -24.13 -22.01
CA LEU B 145 12.45 -23.37 -21.16
C LEU B 145 13.09 -24.26 -20.11
N LEU B 146 12.32 -25.21 -19.59
CA LEU B 146 12.83 -26.12 -18.56
C LEU B 146 13.93 -27.02 -19.09
N SER B 147 13.76 -27.53 -20.30
CA SER B 147 14.74 -28.44 -20.89
C SER B 147 16.09 -27.74 -21.08
N LEU B 148 16.05 -26.46 -21.45
CA LEU B 148 17.27 -25.68 -21.63
C LEU B 148 17.99 -25.46 -20.29
N VAL B 149 17.22 -25.23 -19.24
CA VAL B 149 17.79 -24.94 -17.93
C VAL B 149 18.40 -26.19 -17.29
N ARG B 150 17.70 -27.32 -17.40
CA ARG B 150 18.16 -28.57 -16.79
C ARG B 150 19.50 -29.05 -17.37
N GLN B 151 19.76 -28.69 -18.62
CA GLN B 151 20.98 -29.14 -19.29
C GLN B 151 22.23 -28.51 -18.68
N TYR B 152 22.04 -27.43 -17.94
CA TYR B 152 23.14 -26.76 -17.25
C TYR B 152 23.26 -27.28 -15.83
N ASN B 153 22.60 -28.41 -15.58
CA ASN B 153 22.67 -29.14 -14.32
C ASN B 153 22.48 -28.27 -13.08
N PRO B 154 21.25 -27.81 -12.84
CA PRO B 154 20.92 -27.09 -11.62
C PRO B 154 20.52 -28.06 -10.52
N LYS B 155 20.71 -27.66 -9.27
CA LYS B 155 20.34 -28.52 -8.15
C LYS B 155 18.83 -28.72 -8.10
N MET B 156 18.10 -27.65 -8.41
CA MET B 156 16.65 -27.67 -8.36
C MET B 156 16.06 -26.56 -9.22
N VAL B 157 15.07 -26.90 -10.04
CA VAL B 157 14.34 -25.90 -10.81
C VAL B 157 12.84 -26.06 -10.63
N LYS B 158 12.21 -25.01 -10.12
CA LYS B 158 10.77 -25.00 -9.95
C LYS B 158 10.17 -23.80 -10.64
N VAL B 159 8.93 -23.94 -11.11
CA VAL B 159 8.27 -22.87 -11.85
C VAL B 159 7.06 -22.33 -11.11
N ALA B 160 7.01 -21.00 -10.99
CA ALA B 160 5.86 -20.32 -10.41
C ALA B 160 5.08 -19.61 -11.50
N SER B 161 3.77 -19.82 -11.52
CA SER B 161 2.91 -19.18 -12.51
C SER B 161 1.69 -18.56 -11.85
N LEU B 162 1.44 -17.29 -12.15
CA LEU B 162 0.28 -16.59 -11.61
C LEU B 162 -1.02 -17.16 -12.16
N LEU B 163 -1.01 -17.50 -13.44
CA LEU B 163 -2.21 -17.96 -14.14
C LEU B 163 -1.96 -19.23 -14.94
N VAL B 164 -2.85 -20.20 -14.76
CA VAL B 164 -2.86 -21.39 -15.61
C VAL B 164 -4.24 -21.58 -16.19
N LYS B 165 -4.34 -21.66 -17.51
CA LYS B 165 -5.63 -21.75 -18.18
C LYS B 165 -6.05 -23.19 -18.43
N ARG B 166 -7.32 -23.49 -18.13
CA ARG B 166 -7.91 -24.77 -18.50
C ARG B 166 -8.25 -24.79 -19.98
N THR B 167 -7.35 -25.34 -20.79
CA THR B 167 -7.55 -25.35 -22.23
C THR B 167 -7.27 -26.73 -22.81
N PRO B 168 -8.08 -27.15 -23.79
CA PRO B 168 -7.86 -28.43 -24.49
C PRO B 168 -6.59 -28.39 -25.33
N ARG B 169 -5.99 -27.22 -25.45
CA ARG B 169 -4.76 -27.05 -26.23
C ARG B 169 -3.52 -27.26 -25.36
N SER B 170 -3.73 -27.67 -24.11
CA SER B 170 -2.63 -27.88 -23.17
C SER B 170 -1.94 -29.22 -23.40
N VAL B 171 -0.62 -29.24 -23.27
CA VAL B 171 0.14 -30.49 -23.38
C VAL B 171 -0.07 -31.40 -22.18
N GLY B 172 0.05 -30.83 -20.99
CA GLY B 172 -0.08 -31.59 -19.77
C GLY B 172 0.88 -31.06 -18.71
N TYR B 173 1.57 -29.98 -19.04
CA TYR B 173 2.50 -29.38 -18.08
C TYR B 173 1.78 -28.70 -16.92
N LYS B 174 2.29 -28.92 -15.72
CA LYS B 174 1.76 -28.26 -14.53
C LYS B 174 2.89 -27.61 -13.75
N PRO B 175 2.76 -26.31 -13.47
CA PRO B 175 3.78 -25.60 -12.68
C PRO B 175 3.79 -26.06 -11.24
N ASP B 176 4.92 -25.91 -10.56
CA ASP B 176 5.03 -26.31 -9.17
C ASP B 176 4.21 -25.39 -8.27
N PHE B 177 4.10 -24.12 -8.66
CA PHE B 177 3.32 -23.15 -7.92
C PHE B 177 2.34 -22.43 -8.84
N VAL B 178 1.06 -22.49 -8.50
CA VAL B 178 0.03 -21.86 -9.32
C VAL B 178 -0.80 -20.88 -8.49
N GLY B 179 -0.99 -19.68 -9.02
CA GLY B 179 -1.83 -18.69 -8.38
C GLY B 179 -3.31 -18.97 -8.62
N PHE B 180 -3.72 -18.89 -9.88
CA PHE B 180 -5.13 -19.09 -10.24
C PHE B 180 -5.27 -20.00 -11.46
N GLU B 181 -6.32 -20.81 -11.45
CA GLU B 181 -6.69 -21.61 -12.63
C GLU B 181 -7.94 -21.01 -13.26
N ILE B 182 -7.79 -20.46 -14.46
CA ILE B 182 -8.86 -19.70 -15.09
C ILE B 182 -9.44 -20.41 -16.33
N PRO B 183 -10.68 -20.05 -16.71
CA PRO B 183 -11.29 -20.57 -17.95
C PRO B 183 -10.51 -20.21 -19.21
N ASP B 184 -10.79 -20.92 -20.30
CA ASP B 184 -10.15 -20.65 -21.58
C ASP B 184 -10.70 -19.37 -22.19
N LYS B 185 -10.23 -18.22 -21.68
CA LYS B 185 -10.60 -16.92 -22.19
C LYS B 185 -9.38 -16.03 -22.25
N PHE B 186 -9.32 -15.15 -23.25
CA PHE B 186 -8.18 -14.25 -23.39
C PHE B 186 -8.29 -13.11 -22.38
N VAL B 187 -7.37 -13.09 -21.42
CA VAL B 187 -7.41 -12.10 -20.35
C VAL B 187 -6.35 -11.02 -20.49
N VAL B 188 -6.64 -9.84 -19.96
CA VAL B 188 -5.69 -8.74 -19.93
C VAL B 188 -5.65 -8.13 -18.53
N GLY B 189 -4.65 -7.30 -18.27
CA GLY B 189 -4.54 -6.62 -17.00
C GLY B 189 -3.47 -7.15 -16.06
N TYR B 190 -3.19 -6.36 -15.02
CA TYR B 190 -2.14 -6.64 -14.04
C TYR B 190 -0.76 -6.78 -14.66
N ALA B 191 -0.46 -7.94 -15.23
CA ALA B 191 0.85 -8.18 -15.82
C ALA B 191 0.73 -8.59 -17.28
N LEU B 192 -0.49 -8.63 -17.79
CA LEU B 192 -0.75 -9.07 -19.15
C LEU B 192 -1.26 -7.91 -20.01
N ASP B 193 -0.59 -7.65 -21.12
CA ASP B 193 -0.99 -6.56 -22.00
C ASP B 193 -1.61 -7.05 -23.30
N TYR B 194 -1.94 -6.11 -24.17
CA TYR B 194 -2.45 -6.39 -25.50
C TYR B 194 -2.04 -5.27 -26.43
N ASN B 195 -1.03 -5.52 -27.25
CA ASN B 195 -0.41 -4.50 -28.09
C ASN B 195 0.00 -3.29 -27.27
N GLU B 196 0.62 -3.57 -26.12
CA GLU B 196 1.11 -2.55 -25.18
C GLU B 196 -0.01 -1.74 -24.54
N TYR B 197 -1.25 -2.25 -24.63
CA TYR B 197 -2.38 -1.63 -23.95
C TYR B 197 -2.74 -2.38 -22.68
N PHE B 198 -3.63 -1.79 -21.88
CA PHE B 198 -4.15 -2.38 -20.65
C PHE B 198 -3.11 -2.51 -19.54
N ARG B 199 -1.95 -1.86 -19.71
CA ARG B 199 -0.92 -1.88 -18.67
C ARG B 199 -1.39 -1.16 -17.41
N ASP B 200 -2.24 -0.15 -17.60
CA ASP B 200 -2.75 0.63 -16.48
C ASP B 200 -3.97 -0.04 -15.83
N LEU B 201 -4.31 -1.23 -16.32
CA LEU B 201 -5.40 -2.02 -15.74
C LEU B 201 -4.86 -2.95 -14.65
N ASN B 202 -5.34 -2.77 -13.43
CA ASN B 202 -4.85 -3.54 -12.28
C ASN B 202 -5.41 -4.96 -12.23
N HIS B 203 -6.69 -5.10 -12.52
CA HIS B 203 -7.37 -6.39 -12.40
C HIS B 203 -7.15 -7.27 -13.62
N VAL B 204 -7.33 -8.57 -13.45
CA VAL B 204 -7.32 -9.49 -14.59
C VAL B 204 -8.72 -9.60 -15.17
N ALA B 205 -8.89 -9.11 -16.39
CA ALA B 205 -10.21 -9.08 -17.03
C ALA B 205 -10.19 -9.73 -18.40
N VAL B 206 -11.36 -10.21 -18.83
CA VAL B 206 -11.51 -10.76 -20.17
C VAL B 206 -11.67 -9.62 -21.17
N ILE B 207 -10.82 -9.60 -22.19
CA ILE B 207 -10.90 -8.57 -23.22
C ILE B 207 -12.13 -8.82 -24.09
N SER B 208 -12.76 -7.74 -24.55
CA SER B 208 -13.96 -7.86 -25.37
C SER B 208 -13.59 -7.85 -26.85
N GLU B 209 -14.56 -8.17 -27.71
CA GLU B 209 -14.35 -8.13 -29.15
C GLU B 209 -14.15 -6.70 -29.62
N THR B 210 -14.74 -5.75 -28.91
CA THR B 210 -14.49 -4.34 -29.18
C THR B 210 -13.04 -4.01 -28.90
N GLY B 211 -12.56 -4.41 -27.72
CA GLY B 211 -11.20 -4.15 -27.31
C GLY B 211 -10.17 -4.79 -28.22
N LYS B 212 -10.45 -6.02 -28.66
CA LYS B 212 -9.56 -6.73 -29.57
C LYS B 212 -9.38 -5.98 -30.89
N ALA B 213 -10.49 -5.43 -31.39
CA ALA B 213 -10.48 -4.74 -32.67
C ALA B 213 -9.98 -3.30 -32.53
N LYS B 214 -10.29 -2.68 -31.40
CA LYS B 214 -9.89 -1.28 -31.16
C LYS B 214 -8.37 -1.15 -31.04
N TYR B 215 -7.74 -2.15 -30.42
CA TYR B 215 -6.32 -2.08 -30.13
C TYR B 215 -5.50 -3.11 -30.92
N LYS B 216 -6.02 -3.51 -32.08
CA LYS B 216 -5.33 -4.51 -32.90
C LYS B 216 -4.02 -3.95 -33.45
N ALA B 217 -3.16 -4.84 -33.93
CA ALA B 217 -1.88 -4.43 -34.49
C ALA B 217 -1.83 -4.70 -36.00
N ALA C 1 19.50 16.39 -17.90
CA ALA C 1 20.06 17.69 -18.27
C ALA C 1 19.05 18.81 -18.06
N THR C 2 18.70 19.05 -16.79
CA THR C 2 17.81 20.14 -16.43
C THR C 2 18.26 20.77 -15.12
N ARG C 3 17.53 21.78 -14.65
CA ARG C 3 17.96 22.54 -13.49
C ARG C 3 17.72 21.82 -12.17
N SER C 4 16.58 21.13 -12.05
CA SER C 4 16.24 20.43 -10.80
C SER C 4 17.25 19.36 -10.43
N PRO C 5 17.93 19.54 -9.29
CA PRO C 5 18.88 18.54 -8.78
C PRO C 5 18.18 17.51 -7.90
N GLY C 6 16.90 17.72 -7.64
CA GLY C 6 16.11 16.82 -6.82
C GLY C 6 16.23 17.13 -5.34
N VAL C 7 15.72 16.23 -4.52
CA VAL C 7 15.81 16.38 -3.07
C VAL C 7 17.26 16.29 -2.62
N VAL C 8 17.79 17.40 -2.11
CA VAL C 8 19.20 17.45 -1.72
C VAL C 8 19.42 17.00 -0.29
N ILE C 9 20.38 16.09 -0.12
CA ILE C 9 20.80 15.63 1.20
C ILE C 9 22.27 16.01 1.40
N SER C 10 22.50 17.03 2.23
CA SER C 10 23.84 17.61 2.36
C SER C 10 24.80 16.77 3.21
N ASP C 11 26.08 17.10 3.13
CA ASP C 11 27.12 16.43 3.93
C ASP C 11 27.03 16.87 5.37
N ASP C 12 26.77 18.17 5.57
CA ASP C 12 26.28 18.63 6.85
C ASP C 12 24.96 17.88 7.11
N GLU C 13 24.94 17.13 8.19
CA GLU C 13 23.68 16.67 8.78
C GLU C 13 22.90 15.64 7.92
N PRO C 14 23.49 14.47 7.66
CA PRO C 14 22.67 13.68 6.74
C PRO C 14 21.91 12.53 7.39
N GLY C 15 20.64 12.37 7.01
CA GLY C 15 19.85 11.21 7.36
C GLY C 15 19.36 11.18 8.80
N TYR C 16 18.87 10.01 9.21
CA TYR C 16 18.36 9.82 10.56
C TYR C 16 19.05 8.63 11.22
N ASP C 17 19.01 8.58 12.55
CA ASP C 17 19.62 7.47 13.28
C ASP C 17 18.79 6.22 13.05
N LEU C 18 19.43 5.06 13.16
CA LEU C 18 18.80 3.77 12.92
C LEU C 18 17.70 3.43 13.93
N ASP C 19 17.73 4.07 15.09
CA ASP C 19 16.78 3.73 16.16
C ASP C 19 15.41 4.32 15.89
N LEU C 20 15.33 5.25 14.94
CA LEU C 20 14.08 5.98 14.70
C LEU C 20 13.17 5.29 13.70
N PHE C 21 13.70 4.28 13.02
CA PHE C 21 12.94 3.57 11.99
C PHE C 21 13.08 2.06 12.13
N ALA C 22 12.26 1.33 11.39
CA ALA C 22 12.22 -0.13 11.49
C ALA C 22 13.25 -0.77 10.56
N ILE C 23 14.32 -1.29 11.16
CA ILE C 23 15.38 -1.96 10.43
C ILE C 23 15.37 -3.45 10.78
N PRO C 24 15.54 -4.31 9.77
CA PRO C 24 15.68 -5.75 10.04
C PRO C 24 16.84 -6.02 10.99
N ASN C 25 16.58 -6.79 12.04
CA ASN C 25 17.52 -6.93 13.14
C ASN C 25 18.86 -7.56 12.74
N HIS C 26 18.86 -8.37 11.69
CA HIS C 26 20.12 -8.99 11.23
C HIS C 26 21.00 -7.98 10.50
N TYR C 27 20.50 -6.76 10.34
CA TYR C 27 21.28 -5.68 9.73
C TYR C 27 21.61 -4.60 10.76
N ALA C 28 21.46 -4.92 12.03
CA ALA C 28 21.63 -3.96 13.12
C ALA C 28 23.03 -3.35 13.15
N GLU C 29 24.06 -4.19 12.99
CA GLU C 29 25.43 -3.74 13.09
C GLU C 29 26.08 -3.53 11.72
N ASP C 30 25.28 -3.63 10.67
CA ASP C 30 25.80 -3.58 9.31
C ASP C 30 25.53 -2.23 8.65
N LEU C 31 24.86 -1.34 9.37
CA LEU C 31 24.51 -0.03 8.84
C LEU C 31 25.00 1.07 9.79
N GLU C 32 25.33 2.23 9.23
CA GLU C 32 25.76 3.37 10.04
C GLU C 32 24.60 4.32 10.29
N ARG C 33 23.84 4.60 9.24
CA ARG C 33 22.81 5.63 9.29
C ARG C 33 21.83 5.48 8.13
N VAL C 34 20.57 5.85 8.36
CA VAL C 34 19.56 5.82 7.31
C VAL C 34 19.46 7.17 6.62
N PHE C 35 19.72 7.18 5.31
CA PHE C 35 19.62 8.40 4.53
C PHE C 35 18.18 8.66 4.09
N ILE C 36 17.59 7.67 3.42
CA ILE C 36 16.26 7.83 2.85
C ILE C 36 15.34 6.66 3.18
N PRO C 37 14.35 6.89 4.05
CA PRO C 37 13.35 5.87 4.41
C PRO C 37 12.51 5.46 3.20
N HIS C 38 11.99 4.24 3.22
CA HIS C 38 11.22 3.67 2.12
C HIS C 38 10.08 4.57 1.67
N GLY C 39 9.32 5.08 2.62
CA GLY C 39 8.17 5.91 2.32
C GLY C 39 8.54 7.25 1.70
N LEU C 40 9.69 7.79 2.10
CA LEU C 40 10.16 9.05 1.52
C LEU C 40 10.52 8.84 0.06
N ILE C 41 11.10 7.69 -0.25
CA ILE C 41 11.42 7.32 -1.62
C ILE C 41 10.15 7.27 -2.48
N MET C 42 9.11 6.65 -1.93
CA MET C 42 7.84 6.51 -2.63
C MET C 42 7.22 7.85 -2.98
N ASP C 43 7.24 8.78 -2.02
CA ASP C 43 6.66 10.10 -2.22
C ASP C 43 7.39 10.85 -3.34
N ARG C 44 8.72 10.78 -3.33
CA ARG C 44 9.52 11.43 -4.36
C ARG C 44 9.27 10.78 -5.72
N THR C 45 9.21 9.46 -5.73
CA THR C 45 8.97 8.70 -6.96
C THR C 45 7.62 9.05 -7.58
N GLU C 46 6.64 9.34 -6.74
CA GLU C 46 5.32 9.73 -7.22
C GLU C 46 5.37 11.06 -7.96
N ARG C 47 6.18 11.99 -7.45
CA ARG C 47 6.35 13.29 -8.08
C ARG C 47 7.11 13.15 -9.40
N LEU C 48 8.13 12.31 -9.40
CA LEU C 48 8.93 12.04 -10.60
C LEU C 48 8.06 11.51 -11.72
N ALA C 49 7.10 10.66 -11.38
CA ALA C 49 6.18 10.08 -12.36
C ALA C 49 5.34 11.17 -13.02
N ARG C 50 5.02 12.20 -12.27
CA ARG C 50 4.23 13.31 -12.81
C ARG C 50 5.11 14.23 -13.63
N ASP C 51 6.39 14.29 -13.28
CA ASP C 51 7.37 15.05 -14.06
C ASP C 51 7.63 14.39 -15.40
N VAL C 52 7.58 13.06 -15.41
CA VAL C 52 7.83 12.29 -16.63
C VAL C 52 6.69 12.44 -17.64
N MET C 53 5.46 12.29 -17.18
CA MET C 53 4.30 12.41 -18.06
C MET C 53 4.09 13.84 -18.52
N LYS C 54 4.66 14.79 -17.78
CA LYS C 54 4.56 16.19 -18.14
C LYS C 54 5.45 16.52 -19.33
N GLU C 55 6.62 15.90 -19.39
CA GLU C 55 7.62 16.24 -20.40
C GLU C 55 7.77 15.16 -21.47
N MET C 56 7.15 14.00 -21.27
CA MET C 56 7.28 12.90 -22.22
C MET C 56 5.92 12.32 -22.63
N GLY C 57 4.85 12.83 -22.04
CA GLY C 57 3.52 12.31 -22.30
C GLY C 57 3.01 12.56 -23.71
N GLY C 58 3.77 13.33 -24.49
CA GLY C 58 3.37 13.70 -25.83
C GLY C 58 3.38 12.55 -26.83
N HIS C 59 4.36 11.66 -26.70
CA HIS C 59 4.46 10.53 -27.62
C HIS C 59 4.53 9.20 -26.88
N HIS C 60 4.45 8.11 -27.64
CA HIS C 60 4.56 6.76 -27.10
C HIS C 60 5.85 6.61 -26.29
N ILE C 61 5.71 6.31 -25.01
CA ILE C 61 6.87 6.21 -24.12
C ILE C 61 7.46 4.80 -24.11
N VAL C 62 8.77 4.73 -24.30
CA VAL C 62 9.50 3.47 -24.14
C VAL C 62 10.32 3.53 -22.86
N ALA C 63 9.84 2.86 -21.81
CA ALA C 63 10.54 2.84 -20.54
C ALA C 63 11.64 1.79 -20.56
N LEU C 64 12.89 2.25 -20.49
CA LEU C 64 14.05 1.38 -20.63
C LEU C 64 14.76 1.15 -19.30
N CYS C 65 14.72 -0.07 -18.80
CA CYS C 65 15.35 -0.39 -17.52
C CYS C 65 16.74 -0.97 -17.70
N VAL C 66 17.68 -0.51 -16.87
CA VAL C 66 19.01 -1.08 -16.83
C VAL C 66 19.02 -2.26 -15.86
N LEU C 67 19.65 -3.36 -16.28
CA LEU C 67 19.65 -4.57 -15.48
C LEU C 67 20.87 -4.64 -14.56
N LYS C 68 20.78 -3.97 -13.42
CA LYS C 68 21.84 -3.98 -12.43
C LYS C 68 21.40 -4.75 -11.18
N GLY C 69 20.36 -5.58 -11.34
CA GLY C 69 19.79 -6.30 -10.22
C GLY C 69 18.71 -5.48 -9.54
N GLY C 70 18.68 -4.18 -9.85
CA GLY C 70 17.72 -3.27 -9.26
C GLY C 70 16.48 -3.08 -10.11
N TYR C 71 15.48 -3.93 -9.89
CA TYR C 71 14.21 -3.83 -10.59
C TYR C 71 13.24 -2.97 -9.79
N LYS C 72 13.54 -2.80 -8.51
CA LYS C 72 12.60 -2.22 -7.56
C LYS C 72 12.18 -0.80 -7.92
N PHE C 73 13.14 0.08 -8.19
CA PHE C 73 12.82 1.47 -8.51
C PHE C 73 12.07 1.57 -9.83
N PHE C 74 12.49 0.77 -10.80
CA PHE C 74 11.86 0.76 -12.11
C PHE C 74 10.40 0.34 -12.01
N ALA C 75 10.16 -0.70 -11.20
CA ALA C 75 8.80 -1.20 -11.00
C ALA C 75 7.93 -0.18 -10.27
N ASP C 76 8.50 0.47 -9.26
CA ASP C 76 7.77 1.47 -8.49
C ASP C 76 7.47 2.73 -9.31
N LEU C 77 8.45 3.17 -10.10
CA LEU C 77 8.27 4.34 -10.94
C LEU C 77 7.17 4.11 -11.96
N LEU C 78 7.16 2.92 -12.55
CA LEU C 78 6.15 2.56 -13.54
C LEU C 78 4.76 2.44 -12.93
N ASP C 79 4.68 1.92 -11.71
CA ASP C 79 3.39 1.79 -11.02
C ASP C 79 2.72 3.15 -10.85
N TYR C 80 3.50 4.16 -10.50
CA TYR C 80 2.96 5.51 -10.34
C TYR C 80 2.57 6.11 -11.68
N ILE C 81 3.35 5.80 -12.71
CA ILE C 81 3.05 6.29 -14.06
C ILE C 81 1.75 5.68 -14.58
N LYS C 82 1.56 4.39 -14.33
CA LYS C 82 0.31 3.72 -14.71
C LYS C 82 -0.87 4.27 -13.91
N ALA C 83 -0.61 4.69 -12.67
CA ALA C 83 -1.63 5.27 -11.82
C ALA C 83 -2.12 6.60 -12.40
N LEU C 84 -1.22 7.33 -13.04
CA LEU C 84 -1.59 8.57 -13.70
C LEU C 84 -2.40 8.31 -14.96
N ASN C 85 -2.00 7.28 -15.71
CA ASN C 85 -2.64 6.97 -16.99
C ASN C 85 -4.08 6.48 -16.87
N ARG C 86 -4.42 5.84 -15.76
CA ARG C 86 -5.74 5.25 -15.62
C ARG C 86 -6.80 6.32 -15.31
N ASN C 87 -6.37 7.54 -15.07
CA ASN C 87 -7.28 8.66 -14.85
C ASN C 87 -7.09 9.76 -15.88
N SER C 88 -6.78 9.36 -17.11
CA SER C 88 -6.52 10.31 -18.19
C SER C 88 -7.51 10.12 -19.34
N ASP C 89 -8.57 9.36 -19.09
CA ASP C 89 -9.63 8.96 -20.04
C ASP C 89 -9.17 8.59 -21.46
N ARG C 90 -7.94 8.92 -21.85
CA ARG C 90 -7.37 8.30 -23.03
C ARG C 90 -6.63 7.04 -22.61
N SER C 91 -6.84 5.96 -23.35
CA SER C 91 -6.07 4.74 -23.11
C SER C 91 -4.67 4.97 -23.67
N ILE C 92 -3.68 4.91 -22.81
CA ILE C 92 -2.32 5.24 -23.20
C ILE C 92 -1.45 3.99 -23.36
N PRO C 93 -1.01 3.70 -24.59
CA PRO C 93 -0.10 2.59 -24.83
C PRO C 93 1.31 2.91 -24.34
N MET C 94 1.99 1.91 -23.81
CA MET C 94 3.36 2.09 -23.33
C MET C 94 4.12 0.77 -23.39
N THR C 95 5.36 0.83 -23.87
CA THR C 95 6.19 -0.36 -23.95
C THR C 95 7.35 -0.27 -22.98
N VAL C 96 7.69 -1.41 -22.38
CA VAL C 96 8.80 -1.45 -21.44
C VAL C 96 9.81 -2.54 -21.82
N ASP C 97 11.08 -2.18 -21.83
CA ASP C 97 12.14 -3.13 -22.18
C ASP C 97 13.24 -3.15 -21.12
N PHE C 98 14.24 -4.00 -21.34
CA PHE C 98 15.37 -4.11 -20.44
C PHE C 98 16.68 -4.13 -21.23
N ILE C 99 17.71 -3.51 -20.68
CA ILE C 99 19.02 -3.48 -21.32
C ILE C 99 20.08 -4.04 -20.38
N ARG C 100 21.06 -4.75 -20.93
CA ARG C 100 22.09 -5.36 -20.10
C ARG C 100 23.48 -4.80 -20.38
N LEU C 101 23.60 -4.00 -21.45
CA LEU C 101 24.89 -3.40 -21.83
C LEU C 101 25.99 -4.43 -22.06
N ASP C 120 17.09 -6.25 -30.15
CA ASP C 120 16.61 -5.41 -31.24
C ASP C 120 16.01 -4.12 -30.68
N LEU C 121 16.66 -3.00 -30.98
CA LEU C 121 16.23 -1.70 -30.46
C LEU C 121 15.62 -0.81 -31.54
N SER C 122 15.07 -1.42 -32.58
CA SER C 122 14.40 -0.68 -33.64
C SER C 122 13.05 -0.15 -33.15
N THR C 123 12.65 -0.62 -31.98
CA THR C 123 11.40 -0.19 -31.37
C THR C 123 11.51 1.22 -30.80
N LEU C 124 12.74 1.73 -30.75
CA LEU C 124 13.03 3.03 -30.16
C LEU C 124 12.87 4.18 -31.15
N THR C 125 12.80 3.84 -32.43
CA THR C 125 12.72 4.84 -33.49
C THR C 125 11.46 5.70 -33.39
N GLY C 126 11.66 7.01 -33.26
CA GLY C 126 10.56 7.96 -33.26
C GLY C 126 9.68 7.93 -32.04
N LYS C 127 10.22 7.42 -30.93
CA LYS C 127 9.45 7.33 -29.69
C LYS C 127 10.18 8.02 -28.55
N ASN C 128 9.42 8.43 -27.53
CA ASN C 128 10.02 9.01 -26.34
C ASN C 128 10.62 7.91 -25.47
N VAL C 129 11.93 7.95 -25.33
CA VAL C 129 12.65 6.93 -24.58
C VAL C 129 13.02 7.41 -23.19
N LEU C 130 12.58 6.68 -22.18
CA LEU C 130 12.93 6.99 -20.79
C LEU C 130 13.87 5.92 -20.23
N ILE C 131 15.12 6.30 -20.01
CA ILE C 131 16.07 5.37 -19.40
C ILE C 131 16.05 5.52 -17.89
N VAL C 132 15.78 4.42 -17.20
CA VAL C 132 15.63 4.43 -15.74
C VAL C 132 16.84 3.81 -15.04
N GLU C 133 17.51 4.61 -14.22
CA GLU C 133 18.67 4.15 -13.48
C GLU C 133 18.43 4.29 -11.98
N ASP C 134 19.05 3.42 -11.19
CA ASP C 134 18.89 3.46 -9.74
C ASP C 134 19.89 4.42 -9.11
N ILE C 135 21.16 4.25 -9.44
CA ILE C 135 22.24 5.03 -8.84
C ILE C 135 23.18 5.58 -9.92
N ILE C 136 23.62 6.82 -9.74
CA ILE C 136 24.59 7.41 -10.64
C ILE C 136 25.79 7.92 -9.85
N ASP C 137 26.94 7.32 -10.09
CA ASP C 137 28.17 7.66 -9.39
C ASP C 137 29.12 8.41 -10.32
N THR C 138 29.87 7.66 -11.11
CA THR C 138 30.77 8.25 -12.10
C THR C 138 29.95 8.84 -13.25
N GLY C 139 28.91 8.12 -13.65
CA GLY C 139 27.99 8.61 -14.65
C GLY C 139 28.37 8.26 -16.08
N LYS C 140 29.45 7.49 -16.23
CA LYS C 140 29.91 7.11 -17.56
C LYS C 140 29.20 5.85 -18.04
N THR C 141 28.62 5.11 -17.09
CA THR C 141 27.75 3.99 -17.45
C THR C 141 26.49 4.55 -18.09
N MET C 142 26.04 5.68 -17.56
CA MET C 142 24.85 6.35 -18.05
C MET C 142 25.11 6.98 -19.42
N GLN C 143 26.16 7.80 -19.50
CA GLN C 143 26.58 8.46 -20.73
C GLN C 143 26.78 7.49 -21.88
N THR C 144 27.30 6.31 -21.56
CA THR C 144 27.53 5.26 -22.55
C THR C 144 26.20 4.79 -23.17
N LEU C 145 25.16 4.77 -22.35
CA LEU C 145 23.85 4.30 -22.80
C LEU C 145 23.08 5.34 -23.61
N LEU C 146 23.32 6.62 -23.34
CA LEU C 146 22.69 7.68 -24.13
C LEU C 146 23.12 7.62 -25.58
N SER C 147 24.42 7.44 -25.80
CA SER C 147 24.99 7.45 -27.14
C SER C 147 24.48 6.28 -27.98
N LEU C 148 24.18 5.16 -27.33
CA LEU C 148 23.72 3.98 -28.06
C LEU C 148 22.23 4.15 -28.38
N VAL C 149 21.47 4.72 -27.46
CA VAL C 149 20.04 4.92 -27.68
C VAL C 149 19.78 6.03 -28.71
N ARG C 150 20.54 7.13 -28.62
N ARG C 150 20.55 7.12 -28.63
CA ARG C 150 20.39 8.23 -29.57
CA ARG C 150 20.38 8.22 -29.56
C ARG C 150 20.71 7.79 -30.99
C ARG C 150 20.74 7.82 -30.99
N GLN C 151 21.49 6.73 -31.12
CA GLN C 151 21.90 6.23 -32.42
C GLN C 151 20.74 5.60 -33.20
N TYR C 152 19.73 5.12 -32.47
CA TYR C 152 18.56 4.50 -33.10
C TYR C 152 17.50 5.53 -33.42
N ASN C 153 17.88 6.80 -33.32
CA ASN C 153 17.02 7.93 -33.64
C ASN C 153 15.64 7.91 -32.97
N PRO C 154 15.61 8.08 -31.65
CA PRO C 154 14.34 8.25 -30.95
C PRO C 154 13.89 9.70 -31.01
N LYS C 155 12.61 9.96 -30.75
CA LYS C 155 12.11 11.33 -30.77
C LYS C 155 12.73 12.15 -29.65
N MET C 156 12.95 11.51 -28.51
CA MET C 156 13.67 12.15 -27.40
C MET C 156 14.15 11.10 -26.40
N VAL C 157 15.22 11.44 -25.68
CA VAL C 157 15.73 10.57 -24.63
C VAL C 157 15.86 11.33 -23.32
N LYS C 158 15.30 10.76 -22.27
CA LYS C 158 15.41 11.33 -20.93
C LYS C 158 15.94 10.28 -19.98
N VAL C 159 16.68 10.72 -18.97
CA VAL C 159 17.22 9.80 -17.98
C VAL C 159 16.62 10.05 -16.61
N ALA C 160 16.04 8.99 -16.03
CA ALA C 160 15.54 9.03 -14.67
C ALA C 160 16.51 8.31 -13.75
N SER C 161 16.83 8.95 -12.63
CA SER C 161 17.74 8.35 -11.65
C SER C 161 17.23 8.61 -10.25
N LEU C 162 17.08 7.55 -9.47
CA LEU C 162 16.64 7.67 -8.09
C LEU C 162 17.67 8.42 -7.26
N LEU C 163 18.92 8.00 -7.38
CA LEU C 163 19.99 8.57 -6.58
C LEU C 163 21.14 9.11 -7.44
N VAL C 164 21.66 10.27 -7.06
CA VAL C 164 22.84 10.82 -7.69
C VAL C 164 23.86 11.18 -6.61
N LYS C 165 25.00 10.50 -6.64
CA LYS C 165 26.04 10.72 -5.64
C LYS C 165 26.94 11.89 -6.02
N ARG C 166 27.25 12.74 -5.05
CA ARG C 166 28.23 13.80 -5.25
C ARG C 166 29.63 13.23 -5.11
N THR C 167 30.15 12.69 -6.20
CA THR C 167 31.47 12.06 -6.20
C THR C 167 32.45 12.81 -7.09
N PRO C 168 33.72 12.90 -6.65
CA PRO C 168 34.79 13.53 -7.42
C PRO C 168 34.99 12.88 -8.79
N ARG C 169 34.40 11.69 -8.97
CA ARG C 169 34.44 10.98 -10.25
C ARG C 169 33.37 11.49 -11.20
N SER C 170 32.92 12.72 -10.96
CA SER C 170 31.91 13.35 -11.80
C SER C 170 32.48 13.74 -13.16
N VAL C 171 31.86 13.24 -14.23
CA VAL C 171 32.25 13.60 -15.58
C VAL C 171 31.70 14.97 -15.96
N GLY C 172 30.52 15.29 -15.43
CA GLY C 172 29.87 16.56 -15.70
C GLY C 172 28.46 16.36 -16.21
N TYR C 173 28.13 15.11 -16.53
CA TYR C 173 26.82 14.77 -17.06
C TYR C 173 25.73 14.92 -16.01
N LYS C 174 24.57 15.45 -16.44
CA LYS C 174 23.47 15.72 -15.52
C LYS C 174 22.21 14.98 -15.95
N PRO C 175 21.62 14.20 -15.03
CA PRO C 175 20.37 13.49 -15.31
C PRO C 175 19.18 14.45 -15.36
N ASP C 176 18.14 14.09 -16.12
CA ASP C 176 16.95 14.92 -16.24
C ASP C 176 16.11 14.84 -14.97
N PHE C 177 15.57 13.66 -14.69
CA PHE C 177 14.75 13.44 -13.51
C PHE C 177 15.60 12.79 -12.41
N VAL C 178 15.81 13.53 -11.33
CA VAL C 178 16.58 13.02 -10.19
C VAL C 178 15.69 12.94 -8.95
N GLY C 179 15.77 11.82 -8.25
CA GLY C 179 15.04 11.65 -7.01
C GLY C 179 15.74 12.31 -5.85
N PHE C 180 16.94 11.83 -5.54
CA PHE C 180 17.71 12.36 -4.41
C PHE C 180 19.18 12.58 -4.77
N GLU C 181 19.73 13.68 -4.27
CA GLU C 181 21.16 13.94 -4.39
C GLU C 181 21.83 13.67 -3.04
N ILE C 182 22.62 12.60 -2.98
CA ILE C 182 23.19 12.13 -1.72
C ILE C 182 24.71 12.32 -1.67
N PRO C 183 25.28 12.39 -0.46
CA PRO C 183 26.73 12.52 -0.30
C PRO C 183 27.49 11.29 -0.79
N ASP C 184 28.82 11.39 -0.81
CA ASP C 184 29.66 10.30 -1.31
C ASP C 184 29.88 9.22 -0.24
N LYS C 185 28.85 8.42 -0.02
CA LYS C 185 28.95 7.25 0.86
C LYS C 185 28.40 6.04 0.12
N PHE C 186 28.87 4.84 0.49
CA PHE C 186 28.35 3.64 -0.14
C PHE C 186 27.02 3.25 0.52
N VAL C 187 25.94 3.40 -0.24
CA VAL C 187 24.60 3.13 0.27
C VAL C 187 24.07 1.79 -0.20
N VAL C 188 23.24 1.17 0.64
CA VAL C 188 22.56 -0.07 0.29
C VAL C 188 21.09 0.04 0.66
N GLY C 189 20.27 -0.86 0.13
CA GLY C 189 18.87 -0.91 0.48
C GLY C 189 17.92 -0.47 -0.62
N TYR C 190 16.65 -0.81 -0.44
CA TYR C 190 15.59 -0.53 -1.40
C TYR C 190 15.88 -1.16 -2.77
N ALA C 191 16.70 -0.48 -3.57
CA ALA C 191 17.00 -0.96 -4.92
C ALA C 191 18.48 -1.30 -5.08
N LEU C 192 19.27 -0.95 -4.08
CA LEU C 192 20.71 -1.19 -4.14
C LEU C 192 21.12 -2.33 -3.20
N ASP C 193 21.89 -3.27 -3.71
CA ASP C 193 22.35 -4.40 -2.91
C ASP C 193 23.87 -4.40 -2.78
N TYR C 194 24.37 -5.37 -2.02
CA TYR C 194 25.81 -5.53 -1.83
C TYR C 194 26.12 -7.01 -1.70
N ASN C 195 26.73 -7.58 -2.74
CA ASN C 195 26.97 -9.01 -2.83
C ASN C 195 25.65 -9.76 -2.67
N GLU C 196 24.62 -9.22 -3.32
CA GLU C 196 23.25 -9.75 -3.27
C GLU C 196 22.65 -9.76 -1.86
N TYR C 197 23.19 -8.92 -0.98
CA TYR C 197 22.62 -8.74 0.36
C TYR C 197 21.87 -7.42 0.45
N PHE C 198 21.17 -7.22 1.56
CA PHE C 198 20.36 -6.03 1.82
C PHE C 198 19.21 -5.83 0.83
N ARG C 199 18.76 -6.90 0.20
CA ARG C 199 17.62 -6.81 -0.71
C ARG C 199 16.32 -6.67 0.07
N ASP C 200 16.30 -7.23 1.28
CA ASP C 200 15.12 -7.20 2.13
C ASP C 200 15.04 -5.89 2.93
N LEU C 201 16.08 -5.07 2.81
CA LEU C 201 16.08 -3.74 3.40
C LEU C 201 15.43 -2.75 2.45
N ASN C 202 14.38 -2.07 2.92
CA ASN C 202 13.61 -1.18 2.05
C ASN C 202 13.99 0.29 2.19
N HIS C 203 14.84 0.60 3.16
CA HIS C 203 15.37 1.96 3.31
C HIS C 203 16.72 2.09 2.63
N VAL C 204 17.06 3.30 2.18
CA VAL C 204 18.41 3.57 1.68
C VAL C 204 19.31 3.98 2.83
N ALA C 205 20.28 3.13 3.15
CA ALA C 205 21.14 3.37 4.30
C ALA C 205 22.62 3.22 3.95
N VAL C 206 23.47 3.86 4.75
CA VAL C 206 24.92 3.75 4.58
C VAL C 206 25.43 2.47 5.21
N ILE C 207 26.21 1.71 4.46
CA ILE C 207 26.76 0.46 4.97
C ILE C 207 27.93 0.75 5.91
N SER C 208 28.10 -0.10 6.91
CA SER C 208 29.18 0.07 7.88
C SER C 208 30.39 -0.78 7.49
N GLU C 209 31.51 -0.54 8.16
CA GLU C 209 32.71 -1.33 7.91
C GLU C 209 32.51 -2.78 8.32
N THR C 210 31.70 -2.98 9.36
CA THR C 210 31.33 -4.32 9.79
C THR C 210 30.55 -5.05 8.69
N GLY C 211 29.52 -4.39 8.17
CA GLY C 211 28.69 -4.98 7.13
C GLY C 211 29.44 -5.16 5.82
N LYS C 212 30.33 -4.23 5.53
CA LYS C 212 31.11 -4.27 4.29
C LYS C 212 32.07 -5.46 4.28
N ALA C 213 32.54 -5.84 5.47
CA ALA C 213 33.47 -6.96 5.60
C ALA C 213 32.72 -8.27 5.79
N LYS C 214 31.63 -8.23 6.57
CA LYS C 214 30.84 -9.42 6.86
C LYS C 214 30.27 -10.05 5.60
N TYR C 215 29.66 -9.23 4.75
CA TYR C 215 29.03 -9.72 3.53
C TYR C 215 29.90 -9.53 2.31
N LYS C 216 31.21 -9.39 2.51
CA LYS C 216 32.14 -9.21 1.40
C LYS C 216 32.17 -10.45 0.52
N ALA C 217 32.53 -10.26 -0.74
CA ALA C 217 32.60 -11.37 -1.69
C ALA C 217 33.95 -12.08 -1.60
N THR D 2 -30.31 1.65 -4.31
CA THR D 2 -30.74 0.87 -3.17
C THR D 2 -31.38 -0.42 -3.69
N ARG D 3 -30.70 -1.05 -4.64
CA ARG D 3 -31.14 -2.37 -5.08
C ARG D 3 -30.00 -3.16 -5.74
N SER D 4 -28.90 -2.48 -6.02
CA SER D 4 -27.66 -3.21 -6.31
C SER D 4 -27.20 -3.87 -5.01
N PRO D 5 -27.22 -5.21 -4.97
CA PRO D 5 -26.91 -5.95 -3.74
C PRO D 5 -25.41 -6.08 -3.51
N GLY D 6 -24.61 -5.47 -4.39
CA GLY D 6 -23.16 -5.55 -4.28
C GLY D 6 -22.64 -6.89 -4.78
N VAL D 7 -21.40 -7.20 -4.43
CA VAL D 7 -20.81 -8.48 -4.78
C VAL D 7 -21.51 -9.60 -4.02
N VAL D 8 -22.24 -10.44 -4.74
CA VAL D 8 -22.98 -11.52 -4.13
C VAL D 8 -22.12 -12.77 -3.98
N ILE D 9 -21.99 -13.24 -2.75
CA ILE D 9 -21.34 -14.51 -2.49
C ILE D 9 -22.41 -15.59 -2.39
N SER D 10 -22.49 -16.44 -3.42
CA SER D 10 -23.46 -17.53 -3.46
C SER D 10 -23.33 -18.44 -2.24
N ASP D 11 -24.34 -19.27 -1.99
CA ASP D 11 -24.34 -20.08 -0.78
C ASP D 11 -24.13 -21.58 -0.98
N ASP D 12 -24.12 -22.03 -2.22
CA ASP D 12 -23.86 -23.45 -2.45
C ASP D 12 -22.38 -23.74 -2.19
N GLU D 13 -21.49 -22.93 -2.74
CA GLU D 13 -20.12 -22.97 -2.25
C GLU D 13 -19.58 -21.56 -2.00
N PRO D 14 -19.43 -21.24 -0.71
CA PRO D 14 -18.96 -19.97 -0.13
C PRO D 14 -17.45 -19.87 0.12
N GLY D 15 -16.84 -18.84 -0.43
CA GLY D 15 -15.49 -18.43 -0.05
C GLY D 15 -14.33 -19.20 -0.66
N TYR D 16 -13.24 -19.30 0.09
CA TYR D 16 -12.04 -20.04 -0.34
C TYR D 16 -11.47 -20.89 0.79
N ASP D 17 -10.71 -21.92 0.43
CA ASP D 17 -10.04 -22.77 1.42
C ASP D 17 -8.95 -22.00 2.15
N LEU D 18 -8.71 -22.37 3.40
CA LEU D 18 -7.79 -21.62 4.26
C LEU D 18 -6.33 -21.68 3.79
N ASP D 19 -5.96 -22.76 3.12
CA ASP D 19 -4.57 -22.98 2.74
C ASP D 19 -4.16 -22.16 1.51
N LEU D 20 -5.13 -21.53 0.87
CA LEU D 20 -4.87 -20.77 -0.35
C LEU D 20 -4.44 -19.33 -0.06
N PHE D 21 -4.56 -18.91 1.20
CA PHE D 21 -4.22 -17.55 1.59
C PHE D 21 -3.40 -17.52 2.87
N ALA D 22 -2.78 -16.38 3.14
CA ALA D 22 -1.94 -16.21 4.32
C ALA D 22 -2.79 -15.89 5.54
N ILE D 23 -2.83 -16.82 6.48
CA ILE D 23 -3.62 -16.67 7.69
C ILE D 23 -2.68 -16.76 8.90
N PRO D 24 -2.85 -15.85 9.88
CA PRO D 24 -2.05 -15.90 11.10
C PRO D 24 -2.07 -17.28 11.74
N ASN D 25 -0.91 -17.77 12.17
CA ASN D 25 -0.76 -19.14 12.65
C ASN D 25 -1.64 -19.44 13.86
N HIS D 26 -1.83 -18.47 14.73
CA HIS D 26 -2.60 -18.69 15.97
C HIS D 26 -4.10 -18.72 15.72
N TYR D 27 -4.50 -18.56 14.45
CA TYR D 27 -5.91 -18.65 14.07
C TYR D 27 -6.19 -19.86 13.18
N ALA D 28 -5.18 -20.71 13.03
CA ALA D 28 -5.23 -21.83 12.11
C ALA D 28 -6.42 -22.76 12.34
N GLU D 29 -6.76 -23.00 13.60
CA GLU D 29 -7.84 -23.91 13.94
C GLU D 29 -9.14 -23.17 14.25
N ASP D 30 -9.04 -21.84 14.40
CA ASP D 30 -10.16 -21.05 14.88
C ASP D 30 -11.08 -20.60 13.75
N LEU D 31 -10.76 -20.99 12.52
CA LEU D 31 -11.56 -20.61 11.35
C LEU D 31 -11.93 -21.84 10.54
N GLU D 32 -12.97 -21.71 9.71
CA GLU D 32 -13.39 -22.80 8.84
C GLU D 32 -13.20 -22.45 7.36
N ARG D 33 -13.56 -21.23 7.00
CA ARG D 33 -13.59 -20.83 5.60
C ARG D 33 -13.38 -19.32 5.44
N VAL D 34 -12.54 -18.93 4.49
CA VAL D 34 -12.33 -17.52 4.18
C VAL D 34 -13.32 -17.07 3.10
N PHE D 35 -14.16 -16.09 3.44
CA PHE D 35 -15.13 -15.57 2.49
C PHE D 35 -14.52 -14.51 1.60
N ILE D 36 -14.03 -13.44 2.21
CA ILE D 36 -13.49 -12.31 1.47
C ILE D 36 -12.07 -11.98 1.90
N PRO D 37 -11.09 -12.25 1.03
CA PRO D 37 -9.70 -11.87 1.26
C PRO D 37 -9.55 -10.36 1.42
N HIS D 38 -8.52 -9.93 2.15
CA HIS D 38 -8.32 -8.51 2.45
C HIS D 38 -8.29 -7.63 1.21
N GLY D 39 -7.55 -8.07 0.19
CA GLY D 39 -7.40 -7.30 -1.02
C GLY D 39 -8.70 -7.16 -1.81
N LEU D 40 -9.54 -8.18 -1.74
CA LEU D 40 -10.83 -8.14 -2.44
C LEU D 40 -11.75 -7.12 -1.77
N ILE D 41 -11.63 -7.00 -0.45
CA ILE D 41 -12.37 -5.98 0.29
C ILE D 41 -11.94 -4.59 -0.16
N MET D 42 -10.63 -4.40 -0.31
CA MET D 42 -10.08 -3.11 -0.71
C MET D 42 -10.56 -2.67 -2.09
N ASP D 43 -10.51 -3.58 -3.06
CA ASP D 43 -10.95 -3.28 -4.41
C ASP D 43 -12.42 -2.90 -4.46
N ARG D 44 -13.24 -3.61 -3.70
CA ARG D 44 -14.67 -3.31 -3.62
C ARG D 44 -14.91 -1.99 -2.92
N THR D 45 -14.15 -1.75 -1.84
CA THR D 45 -14.25 -0.52 -1.08
C THR D 45 -13.89 0.69 -1.93
N GLU D 46 -12.93 0.50 -2.84
CA GLU D 46 -12.53 1.57 -3.75
C GLU D 46 -13.68 1.96 -4.68
N ARG D 47 -14.39 0.96 -5.18
CA ARG D 47 -15.55 1.21 -6.04
C ARG D 47 -16.66 1.91 -5.27
N LEU D 48 -16.88 1.47 -4.03
CA LEU D 48 -17.89 2.07 -3.17
CA LEU D 48 -17.89 2.07 -3.16
C LEU D 48 -17.61 3.55 -2.95
N ALA D 49 -16.33 3.89 -2.80
CA ALA D 49 -15.92 5.25 -2.55
C ALA D 49 -16.31 6.21 -3.68
N ARG D 50 -16.33 5.70 -4.92
CA ARG D 50 -16.66 6.55 -6.05
C ARG D 50 -18.17 6.57 -6.30
N ASP D 51 -18.86 5.49 -5.92
CA ASP D 51 -20.31 5.50 -5.92
C ASP D 51 -20.82 6.59 -4.99
N VAL D 52 -20.22 6.67 -3.81
CA VAL D 52 -20.58 7.67 -2.81
C VAL D 52 -20.30 9.09 -3.30
N MET D 53 -19.11 9.29 -3.86
CA MET D 53 -18.69 10.63 -4.28
C MET D 53 -19.48 11.17 -5.46
N LYS D 54 -20.00 10.28 -6.29
CA LYS D 54 -20.77 10.70 -7.46
C LYS D 54 -22.19 11.12 -7.08
N GLU D 55 -22.73 10.50 -6.03
CA GLU D 55 -24.08 10.81 -5.56
C GLU D 55 -24.08 11.94 -4.54
N MET D 56 -23.30 11.77 -3.49
CA MET D 56 -23.32 12.67 -2.34
C MET D 56 -22.12 13.62 -2.34
N GLY D 57 -21.00 13.14 -2.84
CA GLY D 57 -19.71 13.80 -2.66
C GLY D 57 -19.49 15.06 -3.46
N GLY D 58 -20.55 15.59 -4.06
CA GLY D 58 -20.47 16.84 -4.82
C GLY D 58 -19.85 17.94 -3.99
N HIS D 59 -20.38 18.12 -2.77
CA HIS D 59 -19.89 19.16 -1.88
C HIS D 59 -19.51 18.60 -0.51
N HIS D 60 -20.06 19.20 0.54
CA HIS D 60 -19.73 18.84 1.90
C HIS D 60 -20.59 17.67 2.41
N ILE D 61 -19.93 16.60 2.83
CA ILE D 61 -20.65 15.45 3.38
C ILE D 61 -20.27 15.23 4.84
N VAL D 62 -21.18 14.60 5.58
CA VAL D 62 -20.92 14.22 6.97
C VAL D 62 -20.73 12.71 7.07
N ALA D 63 -19.50 12.28 7.29
CA ALA D 63 -19.20 10.86 7.40
C ALA D 63 -19.41 10.39 8.84
N LEU D 64 -20.45 9.58 9.03
CA LEU D 64 -20.85 9.13 10.36
C LEU D 64 -20.52 7.66 10.56
N CYS D 65 -19.70 7.36 11.56
CA CYS D 65 -19.32 5.98 11.84
C CYS D 65 -20.05 5.45 13.07
N VAL D 66 -20.60 4.23 12.94
CA VAL D 66 -21.27 3.58 14.06
C VAL D 66 -20.25 2.66 14.73
N LEU D 67 -20.05 2.83 16.03
CA LEU D 67 -18.99 2.11 16.74
C LEU D 67 -19.40 0.73 17.23
N LYS D 68 -18.73 -0.29 16.70
CA LYS D 68 -18.93 -1.68 17.09
C LYS D 68 -17.67 -2.24 17.74
N GLY D 69 -16.71 -1.36 18.00
CA GLY D 69 -15.35 -1.77 18.28
C GLY D 69 -14.60 -1.76 16.96
N GLY D 70 -15.37 -1.69 15.88
CA GLY D 70 -14.82 -1.64 14.53
C GLY D 70 -14.64 -0.21 14.06
N TYR D 71 -13.66 -0.03 13.17
CA TYR D 71 -13.30 1.29 12.67
C TYR D 71 -12.57 1.14 11.34
N LYS D 72 -12.07 -0.08 11.12
CA LYS D 72 -11.20 -0.37 9.99
C LYS D 72 -11.86 -0.07 8.65
N PHE D 73 -13.12 -0.45 8.50
CA PHE D 73 -13.82 -0.21 7.25
C PHE D 73 -14.09 1.27 7.03
N PHE D 74 -14.45 1.97 8.10
CA PHE D 74 -14.69 3.41 8.04
C PHE D 74 -13.42 4.15 7.62
N ALA D 75 -12.29 3.74 8.19
CA ALA D 75 -11.01 4.35 7.89
C ALA D 75 -10.58 4.08 6.45
N ASP D 76 -10.79 2.86 5.99
CA ASP D 76 -10.40 2.48 4.63
C ASP D 76 -11.29 3.15 3.58
N LEU D 77 -12.59 3.22 3.87
CA LEU D 77 -13.52 3.88 2.96
C LEU D 77 -13.21 5.37 2.86
N LEU D 78 -12.84 5.97 3.98
CA LEU D 78 -12.47 7.38 4.01
C LEU D 78 -11.18 7.64 3.24
N ASP D 79 -10.22 6.73 3.38
CA ASP D 79 -8.95 6.85 2.66
C ASP D 79 -9.13 6.86 1.15
N TYR D 80 -10.03 6.02 0.66
CA TYR D 80 -10.31 5.96 -0.78
C TYR D 80 -11.05 7.21 -1.25
N ILE D 81 -11.94 7.71 -0.39
CA ILE D 81 -12.67 8.94 -0.69
C ILE D 81 -11.72 10.12 -0.76
N LYS D 82 -10.82 10.21 0.22
CA LYS D 82 -9.83 11.29 0.25
C LYS D 82 -8.85 11.18 -0.91
N ALA D 83 -8.68 9.97 -1.44
CA ALA D 83 -7.83 9.75 -2.60
C ALA D 83 -8.49 10.30 -3.86
N LEU D 84 -9.81 10.20 -3.93
CA LEU D 84 -10.58 10.74 -5.04
C LEU D 84 -10.54 12.26 -5.06
N ASN D 85 -10.71 12.86 -3.87
CA ASN D 85 -10.75 14.31 -3.75
C ASN D 85 -9.43 14.99 -4.08
N ARG D 86 -8.36 14.19 -4.16
CA ARG D 86 -7.06 14.72 -4.55
C ARG D 86 -7.04 15.07 -6.03
N ASN D 87 -7.76 14.28 -6.82
CA ASN D 87 -7.79 14.47 -8.27
C ASN D 87 -8.95 15.35 -8.73
N SER D 88 -9.83 15.70 -7.79
CA SER D 88 -10.85 16.69 -8.06
C SER D 88 -10.15 18.03 -8.21
N ASP D 89 -10.72 18.95 -8.97
CA ASP D 89 -10.04 20.22 -9.20
C ASP D 89 -10.56 21.30 -8.25
N ARG D 90 -11.23 20.88 -7.18
CA ARG D 90 -11.62 21.80 -6.12
C ARG D 90 -11.41 21.17 -4.74
N SER D 91 -11.23 22.02 -3.73
CA SER D 91 -11.05 21.56 -2.37
C SER D 91 -12.38 21.18 -1.74
N ILE D 92 -12.47 19.94 -1.27
CA ILE D 92 -13.70 19.44 -0.67
C ILE D 92 -13.57 19.34 0.85
N PRO D 93 -14.46 20.04 1.58
CA PRO D 93 -14.54 19.93 3.03
C PRO D 93 -15.32 18.69 3.44
N MET D 94 -14.94 18.08 4.55
CA MET D 94 -15.60 16.86 5.00
C MET D 94 -15.48 16.71 6.51
N THR D 95 -16.58 16.37 7.16
CA THR D 95 -16.59 16.14 8.59
C THR D 95 -16.76 14.66 8.90
N VAL D 96 -15.95 14.16 9.81
CA VAL D 96 -16.02 12.78 10.24
C VAL D 96 -16.36 12.71 11.72
N ASP D 97 -17.37 11.93 12.05
CA ASP D 97 -17.81 11.85 13.44
C ASP D 97 -18.19 10.41 13.80
N PHE D 98 -18.34 10.16 15.11
CA PHE D 98 -18.67 8.84 15.61
C PHE D 98 -19.93 8.88 16.45
N ILE D 99 -20.79 7.88 16.29
CA ILE D 99 -22.05 7.83 17.03
C ILE D 99 -22.31 6.44 17.59
N ARG D 100 -22.77 6.39 18.84
CA ARG D 100 -23.19 5.14 19.45
C ARG D 100 -24.62 5.26 19.92
N LEU D 101 -25.44 4.31 19.50
CA LEU D 101 -26.85 4.28 19.87
C LEU D 101 -27.08 3.53 21.17
N ASP D 120 -24.68 16.62 19.88
CA ASP D 120 -24.21 17.55 18.85
C ASP D 120 -24.80 17.23 17.48
N LEU D 121 -25.96 16.60 17.46
CA LEU D 121 -26.56 16.17 16.20
C LEU D 121 -27.26 17.28 15.44
N SER D 122 -27.15 18.51 15.92
CA SER D 122 -27.68 19.66 15.19
C SER D 122 -26.76 20.02 14.03
N THR D 123 -25.57 19.42 14.03
CA THR D 123 -24.58 19.67 12.99
C THR D 123 -24.89 18.89 11.73
N LEU D 124 -25.90 18.02 11.81
CA LEU D 124 -26.30 17.18 10.67
C LEU D 124 -27.35 17.87 9.81
N THR D 125 -27.92 18.94 10.33
CA THR D 125 -29.00 19.65 9.64
C THR D 125 -28.55 20.25 8.32
N GLY D 126 -29.23 19.88 7.25
CA GLY D 126 -28.97 20.44 5.94
C GLY D 126 -27.63 20.05 5.34
N LYS D 127 -27.17 18.84 5.66
CA LYS D 127 -25.92 18.35 5.12
C LYS D 127 -26.05 16.93 4.59
N ASN D 128 -25.15 16.55 3.68
CA ASN D 128 -25.13 15.20 3.15
C ASN D 128 -24.56 14.23 4.18
N VAL D 129 -25.43 13.40 4.76
CA VAL D 129 -25.00 12.49 5.80
C VAL D 129 -24.77 11.09 5.26
N LEU D 130 -23.59 10.55 5.52
CA LEU D 130 -23.27 9.17 5.15
C LEU D 130 -23.01 8.33 6.39
N ILE D 131 -23.89 7.38 6.65
CA ILE D 131 -23.73 6.47 7.78
C ILE D 131 -22.96 5.23 7.35
N VAL D 132 -21.84 4.95 8.02
CA VAL D 132 -20.98 3.84 7.63
C VAL D 132 -21.06 2.67 8.61
N GLU D 133 -21.48 1.52 8.08
CA GLU D 133 -21.69 0.32 8.86
C GLU D 133 -20.83 -0.82 8.32
N ASP D 134 -20.30 -1.66 9.21
CA ASP D 134 -19.50 -2.80 8.76
C ASP D 134 -20.37 -4.00 8.44
N ILE D 135 -21.29 -4.34 9.34
CA ILE D 135 -22.14 -5.51 9.15
C ILE D 135 -23.62 -5.20 9.39
N ILE D 136 -24.47 -5.64 8.47
CA ILE D 136 -25.91 -5.53 8.64
C ILE D 136 -26.54 -6.92 8.65
N ASP D 137 -27.10 -7.29 9.79
CA ASP D 137 -27.71 -8.62 9.96
C ASP D 137 -29.22 -8.52 9.80
N THR D 138 -29.91 -8.29 10.91
CA THR D 138 -31.37 -8.13 10.87
C THR D 138 -31.73 -6.76 10.27
N GLY D 139 -30.89 -5.76 10.52
CA GLY D 139 -31.10 -4.44 9.97
C GLY D 139 -31.89 -3.53 10.88
N LYS D 140 -32.14 -3.98 12.11
CA LYS D 140 -32.90 -3.18 13.07
C LYS D 140 -32.10 -1.99 13.58
N THR D 141 -30.79 -2.19 13.73
CA THR D 141 -29.90 -1.13 14.19
C THR D 141 -29.91 0.06 13.23
N MET D 142 -29.82 -0.23 11.94
CA MET D 142 -29.75 0.81 10.93
C MET D 142 -31.02 1.64 10.80
N GLN D 143 -32.17 0.97 10.76
CA GLN D 143 -33.43 1.70 10.61
C GLN D 143 -33.78 2.45 11.90
N THR D 144 -33.29 1.96 13.03
CA THR D 144 -33.43 2.71 14.28
C THR D 144 -32.59 3.97 14.20
N LEU D 145 -31.39 3.84 13.64
CA LEU D 145 -30.47 4.96 13.52
C LEU D 145 -30.94 5.94 12.44
N LEU D 146 -31.48 5.40 11.35
CA LEU D 146 -31.99 6.25 10.26
C LEU D 146 -33.13 7.13 10.71
N SER D 147 -34.08 6.56 11.46
CA SER D 147 -35.22 7.32 11.94
C SER D 147 -34.79 8.43 12.90
N LEU D 148 -33.65 8.23 13.56
CA LEU D 148 -33.14 9.22 14.50
C LEU D 148 -32.32 10.31 13.82
N VAL D 149 -31.77 10.01 12.64
CA VAL D 149 -30.98 10.98 11.91
C VAL D 149 -31.85 11.85 11.01
N ARG D 150 -32.85 11.23 10.39
CA ARG D 150 -33.73 11.91 9.45
C ARG D 150 -34.64 12.93 10.13
N GLN D 151 -34.72 12.85 11.46
CA GLN D 151 -35.56 13.76 12.22
C GLN D 151 -34.78 15.00 12.67
N TYR D 152 -33.48 15.01 12.39
CA TYR D 152 -32.68 16.22 12.56
C TYR D 152 -32.60 16.99 11.25
N ASN D 153 -33.42 16.56 10.28
CA ASN D 153 -33.52 17.18 8.96
C ASN D 153 -32.18 17.38 8.25
N PRO D 154 -31.51 16.27 7.89
CA PRO D 154 -30.35 16.41 7.01
C PRO D 154 -30.79 16.56 5.57
N LYS D 155 -29.98 17.22 4.75
CA LYS D 155 -30.31 17.37 3.34
C LYS D 155 -30.38 16.02 2.64
N MET D 156 -29.53 15.09 3.09
CA MET D 156 -29.35 13.83 2.41
C MET D 156 -28.67 12.80 3.31
N VAL D 157 -29.41 11.77 3.71
CA VAL D 157 -28.85 10.72 4.55
C VAL D 157 -28.88 9.36 3.85
N LYS D 158 -27.72 8.75 3.69
CA LYS D 158 -27.61 7.46 3.04
C LYS D 158 -26.68 6.54 3.82
N VAL D 159 -26.84 5.24 3.62
CA VAL D 159 -26.12 4.25 4.42
C VAL D 159 -25.19 3.39 3.58
N ALA D 160 -23.93 3.32 4.00
CA ALA D 160 -22.96 2.41 3.40
C ALA D 160 -22.71 1.24 4.34
N SER D 161 -22.66 0.03 3.78
CA SER D 161 -22.40 -1.16 4.58
C SER D 161 -21.48 -2.12 3.83
N LEU D 162 -20.39 -2.50 4.48
CA LEU D 162 -19.45 -3.45 3.90
C LEU D 162 -20.12 -4.80 3.67
N LEU D 163 -20.79 -5.29 4.70
CA LEU D 163 -21.41 -6.60 4.65
C LEU D 163 -22.92 -6.54 4.91
N VAL D 164 -23.68 -7.20 4.06
CA VAL D 164 -25.09 -7.45 4.32
C VAL D 164 -25.32 -8.95 4.33
N LYS D 165 -25.71 -9.49 5.48
CA LYS D 165 -25.99 -10.91 5.57
C LYS D 165 -27.34 -11.23 4.92
N ARG D 166 -27.36 -12.31 4.15
CA ARG D 166 -28.58 -12.76 3.51
C ARG D 166 -29.33 -13.70 4.44
N THR D 167 -30.24 -13.13 5.23
CA THR D 167 -30.95 -13.90 6.25
C THR D 167 -32.42 -13.50 6.31
N PRO D 168 -33.31 -14.49 6.52
CA PRO D 168 -34.75 -14.25 6.64
C PRO D 168 -35.10 -13.41 7.87
N ARG D 169 -34.15 -13.31 8.80
CA ARG D 169 -34.34 -12.50 10.00
C ARG D 169 -34.30 -11.00 9.70
N SER D 170 -33.92 -10.66 8.48
CA SER D 170 -33.83 -9.26 8.07
C SER D 170 -35.23 -8.63 8.03
N VAL D 171 -35.30 -7.38 8.47
CA VAL D 171 -36.58 -6.67 8.53
C VAL D 171 -36.95 -6.01 7.22
N GLY D 172 -36.15 -6.28 6.18
CA GLY D 172 -36.44 -5.79 4.85
C GLY D 172 -35.72 -4.50 4.49
N TYR D 173 -34.78 -4.08 5.32
CA TYR D 173 -34.04 -2.86 5.05
C TYR D 173 -32.86 -3.12 4.11
N LYS D 174 -32.69 -2.23 3.13
CA LYS D 174 -31.57 -2.33 2.19
C LYS D 174 -30.76 -1.03 2.16
N PRO D 175 -29.44 -1.16 2.31
CA PRO D 175 -28.53 0.00 2.29
C PRO D 175 -28.36 0.59 0.90
N ASP D 176 -28.02 1.88 0.84
CA ASP D 176 -27.78 2.55 -0.43
C ASP D 176 -26.52 2.00 -1.11
N PHE D 177 -25.50 1.75 -0.32
CA PHE D 177 -24.23 1.22 -0.83
C PHE D 177 -23.85 -0.06 -0.10
N VAL D 178 -23.71 -1.15 -0.85
CA VAL D 178 -23.35 -2.44 -0.26
C VAL D 178 -22.09 -3.01 -0.90
N GLY D 179 -21.13 -3.39 -0.07
CA GLY D 179 -19.91 -4.01 -0.54
C GLY D 179 -20.12 -5.46 -0.92
N PHE D 180 -20.46 -6.28 0.07
CA PHE D 180 -20.66 -7.71 -0.15
C PHE D 180 -21.94 -8.22 0.48
N GLU D 181 -22.66 -9.08 -0.23
CA GLU D 181 -23.80 -9.79 0.32
C GLU D 181 -23.40 -11.23 0.60
N ILE D 182 -23.24 -11.55 1.88
CA ILE D 182 -22.72 -12.85 2.29
C ILE D 182 -23.81 -13.79 2.79
N PRO D 183 -23.54 -15.10 2.81
CA PRO D 183 -24.43 -16.08 3.43
C PRO D 183 -24.64 -15.85 4.93
N ASP D 184 -25.60 -16.57 5.50
CA ASP D 184 -25.93 -16.42 6.92
C ASP D 184 -25.02 -17.26 7.80
N LYS D 185 -23.76 -16.84 7.90
CA LYS D 185 -22.80 -17.47 8.79
C LYS D 185 -22.20 -16.40 9.69
N PHE D 186 -21.64 -16.80 10.83
CA PHE D 186 -20.99 -15.82 11.71
C PHE D 186 -19.55 -15.59 11.27
N VAL D 187 -19.27 -14.40 10.75
CA VAL D 187 -17.96 -14.09 10.20
C VAL D 187 -17.14 -13.19 11.13
N VAL D 188 -15.82 -13.31 11.03
CA VAL D 188 -14.90 -12.47 11.79
C VAL D 188 -13.78 -11.96 10.90
N GLY D 189 -12.98 -11.04 11.42
CA GLY D 189 -11.83 -10.53 10.67
C GLY D 189 -12.16 -9.27 9.88
N TYR D 190 -11.17 -8.40 9.77
CA TYR D 190 -11.31 -7.07 9.15
C TYR D 190 -12.51 -6.31 9.69
N ALA D 191 -12.27 -5.43 10.65
CA ALA D 191 -13.30 -4.58 11.24
C ALA D 191 -14.40 -5.37 11.93
N LEU D 192 -14.21 -6.69 12.04
CA LEU D 192 -15.16 -7.54 12.76
C LEU D 192 -14.44 -8.42 13.76
N ASP D 193 -14.60 -8.11 15.04
CA ASP D 193 -13.94 -8.86 16.10
C ASP D 193 -14.88 -9.88 16.75
N TYR D 194 -14.31 -10.68 17.65
CA TYR D 194 -15.07 -11.63 18.44
C TYR D 194 -14.49 -11.63 19.85
N ASN D 195 -15.17 -10.95 20.77
CA ASN D 195 -14.64 -10.70 22.11
C ASN D 195 -13.28 -10.01 22.03
N GLU D 196 -13.19 -9.04 21.12
CA GLU D 196 -11.98 -8.26 20.88
C GLU D 196 -10.82 -9.10 20.35
N TYR D 197 -11.14 -10.28 19.83
CA TYR D 197 -10.15 -11.11 19.15
C TYR D 197 -10.32 -10.98 17.63
N PHE D 198 -9.43 -11.63 16.88
CA PHE D 198 -9.44 -11.61 15.43
C PHE D 198 -9.27 -10.20 14.83
N ARG D 199 -8.68 -9.30 15.60
CA ARG D 199 -8.47 -7.93 15.11
C ARG D 199 -7.29 -7.87 14.15
N ASP D 200 -6.36 -8.80 14.31
CA ASP D 200 -5.19 -8.86 13.45
C ASP D 200 -5.43 -9.72 12.22
N LEU D 201 -6.65 -10.24 12.10
CA LEU D 201 -7.05 -10.98 10.90
C LEU D 201 -7.61 -10.01 9.87
N ASN D 202 -6.94 -9.93 8.73
CA ASN D 202 -7.29 -8.95 7.70
C ASN D 202 -8.33 -9.48 6.70
N HIS D 203 -8.56 -10.78 6.73
CA HIS D 203 -9.58 -11.38 5.86
C HIS D 203 -10.90 -11.58 6.60
N VAL D 204 -12.00 -11.59 5.87
CA VAL D 204 -13.28 -11.95 6.46
C VAL D 204 -13.47 -13.47 6.37
N ALA D 205 -13.56 -14.12 7.51
CA ALA D 205 -13.63 -15.57 7.55
C ALA D 205 -14.74 -16.06 8.48
N VAL D 206 -15.16 -17.30 8.28
CA VAL D 206 -16.15 -17.93 9.15
C VAL D 206 -15.46 -18.49 10.38
N ILE D 207 -15.98 -18.15 11.56
CA ILE D 207 -15.41 -18.62 12.81
C ILE D 207 -15.76 -20.09 13.03
N SER D 208 -14.84 -20.83 13.65
CA SER D 208 -15.05 -22.25 13.91
C SER D 208 -15.58 -22.48 15.32
N GLU D 209 -16.01 -23.70 15.60
CA GLU D 209 -16.49 -24.07 16.92
C GLU D 209 -15.34 -24.01 17.93
N THR D 210 -14.16 -24.43 17.49
CA THR D 210 -12.96 -24.34 18.32
C THR D 210 -12.66 -22.89 18.66
N GLY D 211 -12.86 -22.01 17.68
CA GLY D 211 -12.62 -20.58 17.88
C GLY D 211 -13.59 -19.94 18.84
N LYS D 212 -14.87 -20.31 18.75
CA LYS D 212 -15.91 -19.76 19.61
C LYS D 212 -15.64 -20.05 21.09
N ALA D 213 -15.14 -21.25 21.37
CA ALA D 213 -14.86 -21.66 22.74
C ALA D 213 -13.51 -21.11 23.23
N LYS D 214 -12.54 -21.07 22.32
CA LYS D 214 -11.19 -20.63 22.67
C LYS D 214 -11.16 -19.14 23.02
N TYR D 215 -12.07 -18.38 22.42
CA TYR D 215 -12.12 -16.94 22.67
C TYR D 215 -13.47 -16.51 23.24
N LYS D 216 -14.06 -17.36 24.06
CA LYS D 216 -15.34 -17.03 24.69
C LYS D 216 -15.15 -16.00 25.79
N ALA D 217 -16.21 -15.28 26.12
CA ALA D 217 -16.15 -14.24 27.14
C ALA D 217 -15.92 -14.85 28.52
C10 8QI E . -3.16 21.33 20.55
C17 8QI E . -6.28 21.96 19.75
C24 8QI E . -2.59 23.21 17.80
C26 8QI E . -1.97 22.97 15.75
C02 8QI E . -3.30 22.09 13.59
C05 8QI E . -3.28 22.57 15.86
C07 8QI E . -4.95 22.43 17.70
C08 8QI E . -4.87 22.20 19.21
C11 8QI E . -3.90 21.12 21.86
C19 8QI E . -7.46 23.98 19.60
C27 8QI E . -1.34 22.90 14.49
N01 8QI E . -4.01 21.61 12.42
N03 8QI E . -2.03 22.47 13.45
N04 8QI E . -3.91 22.14 14.76
N06 8QI E . -3.63 22.73 17.14
N25 8QI E . -1.57 23.36 16.98
O09 8QI E . -4.06 21.10 19.49
O12 8QI E . -4.23 19.77 22.00
O14 8QI E . -2.15 22.96 22.95
O15 8QI E . -1.74 20.59 23.49
O16 8QI E . -3.62 21.79 24.54
O18 8QI E . -7.17 22.75 19.01
O21 8QI E . -9.08 24.59 17.45
O22 8QI E . -9.45 25.89 19.51
O23 8QI E . -10.18 23.54 19.40
O28 8QI E . -0.01 23.30 14.34
P13 8QI E . -2.80 21.63 23.27
P20 8QI E . -9.12 24.52 18.97
C10 8QI F . 1.25 -18.45 -23.22
C17 8QI F . 2.37 -16.29 -25.45
C24 8QI F . -1.71 -16.87 -24.08
C26 8QI F . -3.03 -15.46 -23.12
C02 8QI F . -2.76 -12.82 -22.63
C05 8QI F . -1.88 -14.79 -23.49
C07 8QI F . 0.22 -15.40 -24.64
C08 8QI F . 1.10 -16.65 -24.70
C11 8QI F . 2.50 -19.15 -23.78
C19 8QI F . 2.66 -15.89 -27.75
C27 8QI F . -4.05 -14.73 -22.47
N01 8QI F . -2.60 -11.41 -22.38
N03 8QI F . -3.87 -13.43 -22.25
N04 8QI F . -1.79 -13.48 -23.24
N06 8QI F . -1.09 -15.69 -24.08
N25 8QI F . -2.89 -16.75 -23.49
O09 8QI F . 1.42 -17.08 -23.40
O12 8QI F . 3.58 -18.92 -22.92
O14 8QI F . 0.86 -21.25 -24.54
O15 8QI F . 2.24 -21.60 -22.53
O16 8QI F . 3.27 -21.61 -24.77
O18 8QI F . 1.98 -15.55 -26.57
O21 8QI F . 3.86 -14.11 -29.49
O22 8QI F . 1.96 -13.24 -28.17
O23 8QI F . 1.55 -14.81 -30.03
O28 8QI F . -5.23 -15.36 -22.06
P13 8QI F . 2.20 -20.98 -23.91
P20 8QI F . 2.50 -14.44 -28.92
C10 8QI G . 27.02 3.47 -10.64
C17 8QI G . 27.77 0.30 -10.86
C24 8QI G . 27.98 2.95 -7.40
C26 8QI G . 27.14 2.72 -5.43
C02 8QI G . 25.88 0.63 -4.27
C05 8QI G . 26.94 1.54 -6.13
C07 8QI G . 27.48 0.74 -8.42
C08 8QI G . 27.68 1.39 -9.79
C11 8QI G . 27.45 3.22 -12.08
C19 8QI G . 29.84 -0.76 -10.64
C27 8QI G . 26.67 2.79 -4.09
N01 8QI G . 25.21 -0.50 -3.66
N03 8QI G . 26.06 1.74 -3.57
N04 8QI G . 26.31 0.53 -5.52
N06 8QI G . 27.47 1.72 -7.35
N25 8QI G . 27.78 3.56 -6.25
O09 8QI G . 26.62 2.25 -10.07
O12 8QI G . 26.31 3.02 -12.88
O14 8QI G . 27.40 5.80 -13.08
O15 8QI G . 29.19 4.33 -13.93
O16 8QI G . 29.32 5.21 -11.65
O18 8QI G . 28.48 -0.78 -10.33
O21 8QI G . 30.50 -2.98 -9.15
O22 8QI G . 31.82 -2.60 -11.19
O23 8QI G . 29.50 -3.42 -11.36
O28 8QI G . 26.84 3.96 -3.34
P13 8QI G . 28.38 4.71 -12.72
P20 8QI G . 30.44 -2.52 -10.59
C10 8QI H . -25.83 -6.66 13.42
C17 8QI H . -24.79 -6.56 16.52
C24 8QI H . -24.28 -9.69 13.55
C26 8QI H . -22.51 -10.71 12.88
C02 8QI H . -19.97 -10.59 13.75
C05 8QI H . -22.17 -9.88 13.93
C07 8QI H . -23.39 -8.29 15.40
C08 8QI H . -24.67 -7.45 15.29
C11 8QI H . -26.77 -5.64 14.06
C19 8QI H . -25.38 -7.67 18.49
C27 8QI H . -21.50 -11.49 12.29
N01 8QI H . -18.59 -10.52 14.22
N03 8QI H . -20.26 -11.40 12.74
N04 8QI H . -20.89 -9.85 14.34
N06 8QI H . -23.30 -9.26 14.32
N25 8QI H . -23.83 -10.57 12.68
O09 8QI H . -24.62 -6.66 14.13
O12 8QI H . -26.29 -4.36 13.78
O14 8QI H . -28.87 -7.30 13.39
O15 8QI H . -28.46 -5.37 11.90
O16 8QI H . -29.46 -5.02 14.13
O18 8QI H . -24.35 -7.28 17.63
O21 8QI H . -23.40 -7.14 20.36
O22 8QI H . -24.28 -9.45 20.30
O23 8QI H . -25.65 -7.64 21.24
O28 8QI H . -21.80 -12.35 11.22
P13 8QI H . -28.47 -5.84 13.33
P20 8QI H . -24.63 -7.98 20.17
#